data_2VZB
#
_entry.id   2VZB
#
_cell.length_a   129.695
_cell.length_b   129.695
_cell.length_c   129.695
_cell.angle_alpha   90.00
_cell.angle_beta   90.00
_cell.angle_gamma   90.00
#
_symmetry.space_group_name_H-M   'P 21 3'
#
loop_
_entity.id
_entity.type
_entity.pdbx_description
1 polymer 'PUTATIVE BACTERIOFERRITIN-RELATED PROTEIN'
2 non-polymer 'MAGNESIUM ION'
3 non-polymer BENZAMIDINE
4 non-polymer 'FE (III) ION'
5 water water
#
_entity_poly.entity_id   1
_entity_poly.type   'polypeptide(L)'
_entity_poly.pdbx_seq_one_letter_code
;MAKESVKILQGKLDVKSLIDQLNAALSEEWLAYYQYWVGALVVEGAMRADVQGEFEEHAEEERHHAQLIADRIIELEGVP
VLDPKKWFELARCKYDSPTAFDSVSLLNQNVSSERCAILRYQEIANFTNGKDYTTCDIAKHILAEEEEHEQDLQDYLTDI
ARMKESFLKK
;
_entity_poly.pdbx_strand_id   A,B,C,D
#
# COMPACT_ATOMS: atom_id res chain seq x y z
N ALA A 2 16.00 9.14 -0.49
CA ALA A 2 17.12 8.19 -0.68
C ALA A 2 18.44 8.98 -0.65
N LYS A 3 19.09 8.97 0.51
CA LYS A 3 20.27 9.82 0.82
C LYS A 3 21.46 9.60 -0.12
N GLU A 4 21.80 8.33 -0.34
CA GLU A 4 22.93 7.99 -1.20
C GLU A 4 22.67 8.35 -2.65
N SER A 5 21.43 8.15 -3.09
CA SER A 5 21.02 8.52 -4.44
C SER A 5 21.09 10.04 -4.68
N VAL A 6 20.62 10.80 -3.70
CA VAL A 6 20.62 12.27 -3.74
C VAL A 6 22.06 12.81 -3.75
N LYS A 7 22.90 12.24 -2.88
CA LYS A 7 24.33 12.55 -2.80
C LYS A 7 24.95 12.50 -4.19
N ILE A 8 24.69 11.40 -4.90
CA ILE A 8 25.16 11.19 -6.27
C ILE A 8 24.56 12.23 -7.22
N LEU A 9 23.26 12.49 -7.09
CA LEU A 9 22.56 13.43 -8.01
C LEU A 9 22.96 14.88 -7.80
N GLN A 10 23.27 15.25 -6.56
CA GLN A 10 23.74 16.61 -6.24
C GLN A 10 25.04 16.98 -6.98
N GLY A 11 25.83 15.99 -7.39
CA GLY A 11 27.00 16.22 -8.26
C GLY A 11 26.66 16.56 -9.71
N LYS A 12 25.44 16.23 -10.13
CA LYS A 12 25.03 16.39 -11.54
C LYS A 12 24.07 17.56 -11.79
N LEU A 13 23.24 17.90 -10.80
CA LEU A 13 22.27 18.99 -10.95
C LEU A 13 21.86 19.61 -9.62
N ASP A 14 21.16 20.73 -9.72
CA ASP A 14 20.61 21.44 -8.56
C ASP A 14 19.32 20.75 -8.10
N VAL A 15 19.48 19.83 -7.16
CA VAL A 15 18.38 19.03 -6.61
C VAL A 15 17.36 19.89 -5.85
N LYS A 16 17.86 20.88 -5.13
CA LYS A 16 17.01 21.82 -4.38
C LYS A 16 16.02 22.53 -5.32
N SER A 17 16.54 23.01 -6.44
CA SER A 17 15.70 23.62 -7.45
C SER A 17 14.70 22.61 -8.07
N LEU A 18 15.17 21.40 -8.34
CA LEU A 18 14.34 20.33 -8.87
C LEU A 18 13.15 20.12 -7.95
N ILE A 19 13.42 20.00 -6.65
CA ILE A 19 12.34 19.79 -5.66
C ILE A 19 11.30 20.91 -5.74
N ASP A 20 11.76 22.17 -5.81
CA ASP A 20 10.85 23.32 -5.94
C ASP A 20 9.97 23.20 -7.19
N GLN A 21 10.58 22.85 -8.31
CA GLN A 21 9.83 22.62 -9.55
C GLN A 21 8.78 21.51 -9.41
N LEU A 22 9.17 20.43 -8.73
CA LEU A 22 8.28 19.29 -8.46
C LEU A 22 7.11 19.70 -7.54
N ASN A 23 7.38 20.52 -6.54
CA ASN A 23 6.30 21.00 -5.65
C ASN A 23 5.34 21.98 -6.33
N ALA A 24 5.84 22.73 -7.30
CA ALA A 24 5.00 23.58 -8.13
C ALA A 24 4.17 22.66 -9.03
N ALA A 25 4.82 21.68 -9.64
CA ALA A 25 4.09 20.64 -10.43
C ALA A 25 3.00 19.94 -9.60
N LEU A 26 3.36 19.53 -8.39
CA LEU A 26 2.44 18.83 -7.48
C LEU A 26 1.19 19.66 -7.20
N SER A 27 1.44 20.91 -6.82
CA SER A 27 0.37 21.89 -6.60
C SER A 27 -0.53 21.98 -7.83
N GLU A 28 0.09 22.08 -8.99
CA GLU A 28 -0.65 22.17 -10.26
C GLU A 28 -1.51 20.94 -10.55
N GLU A 29 -0.98 19.76 -10.24
CA GLU A 29 -1.70 18.49 -10.44
C GLU A 29 -2.98 18.47 -9.61
N TRP A 30 -2.88 18.84 -8.34
CA TRP A 30 -4.03 18.83 -7.45
C TRP A 30 -5.10 19.80 -7.91
N LEU A 31 -4.66 20.94 -8.45
CA LEU A 31 -5.62 21.94 -8.98
C LEU A 31 -6.28 21.44 -10.28
N ALA A 32 -5.46 20.89 -11.18
CA ALA A 32 -5.94 20.27 -12.41
C ALA A 32 -6.90 19.10 -12.14
N TYR A 33 -6.54 18.30 -11.15
CA TYR A 33 -7.37 17.19 -10.66
C TYR A 33 -8.75 17.67 -10.23
N TYR A 34 -8.80 18.63 -9.32
CA TYR A 34 -10.06 19.16 -8.84
C TYR A 34 -10.86 19.82 -9.95
N GLN A 35 -10.14 20.57 -10.79
CA GLN A 35 -10.78 21.27 -11.92
C GLN A 35 -11.56 20.30 -12.82
N TYR A 36 -10.89 19.22 -13.20
CA TYR A 36 -11.56 18.16 -13.98
C TYR A 36 -12.73 17.51 -13.22
N TRP A 37 -12.50 17.25 -11.93
CA TRP A 37 -13.45 16.52 -11.08
C TRP A 37 -14.77 17.29 -10.92
N VAL A 38 -14.67 18.58 -10.66
CA VAL A 38 -15.85 19.43 -10.52
C VAL A 38 -16.45 19.76 -11.90
N GLY A 39 -15.58 19.92 -12.89
CA GLY A 39 -16.03 20.08 -14.28
C GLY A 39 -16.93 18.95 -14.72
N ALA A 40 -16.52 17.73 -14.38
CA ALA A 40 -17.29 16.55 -14.69
C ALA A 40 -18.67 16.63 -14.04
N LEU A 41 -18.71 17.14 -12.82
CA LEU A 41 -19.96 17.24 -12.07
C LEU A 41 -20.96 18.24 -12.65
N VAL A 42 -20.48 19.27 -13.36
CA VAL A 42 -21.35 20.38 -13.81
C VAL A 42 -21.50 20.51 -15.33
N VAL A 43 -20.66 19.85 -16.10
CA VAL A 43 -20.70 19.97 -17.57
C VAL A 43 -22.09 19.66 -18.16
N GLU A 44 -22.49 20.45 -19.14
CA GLU A 44 -23.77 20.30 -19.83
C GLU A 44 -23.60 20.59 -21.31
N GLY A 45 -24.49 20.06 -22.11
CA GLY A 45 -24.59 20.42 -23.52
C GLY A 45 -24.04 19.39 -24.48
N ALA A 46 -23.43 19.89 -25.55
CA ALA A 46 -22.97 19.07 -26.68
C ALA A 46 -21.99 18.00 -26.19
N MET A 47 -22.29 16.76 -26.56
CA MET A 47 -21.44 15.61 -26.28
C MET A 47 -21.14 15.46 -24.80
N ARG A 48 -22.11 15.80 -23.95
CA ARG A 48 -21.86 15.90 -22.52
C ARG A 48 -21.35 14.57 -21.92
N ALA A 49 -22.04 13.47 -22.22
CA ALA A 49 -21.68 12.17 -21.62
C ALA A 49 -20.22 11.78 -21.92
N ASP A 50 -19.80 11.92 -23.17
CA ASP A 50 -18.41 11.73 -23.56
C ASP A 50 -17.43 12.69 -22.89
N VAL A 51 -17.77 13.98 -22.89
CA VAL A 51 -16.90 15.01 -22.30
C VAL A 51 -16.80 14.80 -20.80
N GLN A 52 -17.92 14.52 -20.16
CA GLN A 52 -17.97 14.25 -18.71
C GLN A 52 -17.08 13.04 -18.36
N GLY A 53 -17.23 11.99 -19.17
CA GLY A 53 -16.41 10.80 -19.07
C GLY A 53 -14.92 11.10 -19.15
N GLU A 54 -14.50 11.92 -20.10
CA GLU A 54 -13.08 12.30 -20.22
C GLU A 54 -12.62 13.06 -19.02
N PHE A 55 -13.45 13.99 -18.56
CA PHE A 55 -13.09 14.78 -17.36
C PHE A 55 -12.84 13.87 -16.16
N GLU A 56 -13.74 12.89 -16.00
CA GLU A 56 -13.61 11.90 -14.93
C GLU A 56 -12.31 11.08 -15.08
N GLU A 57 -12.03 10.65 -16.30
CA GLU A 57 -10.82 9.87 -16.58
C GLU A 57 -9.56 10.70 -16.35
N HIS A 58 -9.59 11.93 -16.83
CA HIS A 58 -8.47 12.85 -16.68
C HIS A 58 -8.22 13.25 -15.22
N ALA A 59 -9.30 13.49 -14.48
CA ALA A 59 -9.19 13.70 -13.03
C ALA A 59 -8.37 12.57 -12.38
N GLU A 60 -8.71 11.33 -12.70
CA GLU A 60 -7.98 10.18 -12.14
C GLU A 60 -6.52 10.14 -12.62
N GLU A 61 -6.28 10.49 -13.87
CA GLU A 61 -4.90 10.51 -14.39
C GLU A 61 -4.02 11.59 -13.75
N GLU A 62 -4.58 12.77 -13.51
CA GLU A 62 -3.82 13.83 -12.79
C GLU A 62 -3.57 13.42 -11.36
N ARG A 63 -4.56 12.82 -10.74
CA ARG A 63 -4.41 12.24 -9.40
C ARG A 63 -3.20 11.31 -9.31
N HIS A 64 -2.99 10.47 -10.32
CA HIS A 64 -1.85 9.55 -10.35
CA HIS A 64 -1.84 9.56 -10.31
C HIS A 64 -0.54 10.32 -10.60
N HIS A 65 -0.59 11.34 -11.44
CA HIS A 65 0.58 12.21 -11.67
C HIS A 65 1.08 12.79 -10.36
N ALA A 66 0.16 13.29 -9.56
CA ALA A 66 0.45 13.83 -8.22
C ALA A 66 1.25 12.84 -7.35
N GLN A 67 0.83 11.58 -7.38
CA GLN A 67 1.48 10.54 -6.58
C GLN A 67 2.88 10.27 -7.08
N LEU A 68 3.04 10.17 -8.39
CA LEU A 68 4.37 9.97 -9.00
C LEU A 68 5.32 11.08 -8.55
N ILE A 69 4.83 12.30 -8.60
CA ILE A 69 5.64 13.48 -8.27
C ILE A 69 5.96 13.49 -6.78
N ALA A 70 4.94 13.35 -5.95
CA ALA A 70 5.14 13.37 -4.49
C ALA A 70 6.11 12.29 -4.02
N ASP A 71 5.94 11.07 -4.54
CA ASP A 71 6.81 9.97 -4.17
C ASP A 71 8.27 10.31 -4.51
N ARG A 72 8.47 10.93 -5.67
CA ARG A 72 9.83 11.27 -6.14
C ARG A 72 10.46 12.41 -5.30
N ILE A 73 9.64 13.36 -4.90
CA ILE A 73 10.08 14.41 -3.96
C ILE A 73 10.66 13.77 -2.67
N ILE A 74 9.91 12.83 -2.12
CA ILE A 74 10.38 12.09 -0.94
C ILE A 74 11.72 11.40 -1.21
N GLU A 75 11.86 10.80 -2.39
CA GLU A 75 13.13 10.14 -2.78
C GLU A 75 14.29 11.11 -2.95
N LEU A 76 13.98 12.36 -3.28
CA LEU A 76 14.98 13.40 -3.42
C LEU A 76 15.22 14.13 -2.08
N GLU A 77 14.76 13.52 -0.98
CA GLU A 77 14.89 14.08 0.36
C GLU A 77 14.18 15.42 0.54
N GLY A 78 13.12 15.65 -0.25
CA GLY A 78 12.32 16.86 -0.15
C GLY A 78 11.06 16.59 0.67
N VAL A 79 10.30 17.66 0.91
CA VAL A 79 9.00 17.56 1.57
C VAL A 79 7.94 18.08 0.61
N PRO A 80 6.91 17.25 0.32
CA PRO A 80 5.86 17.76 -0.56
C PRO A 80 5.04 18.83 0.16
N VAL A 81 4.40 19.70 -0.62
CA VAL A 81 3.57 20.74 -0.06
C VAL A 81 2.55 20.13 0.91
N LEU A 82 2.55 20.65 2.12
CA LEU A 82 1.82 20.06 3.24
C LEU A 82 0.45 20.66 3.47
N ASP A 83 0.13 21.71 2.73
CA ASP A 83 -1.08 22.49 2.97
C ASP A 83 -1.65 22.98 1.64
N PRO A 84 -2.91 22.62 1.34
CA PRO A 84 -3.50 23.03 0.08
C PRO A 84 -3.55 24.55 -0.15
N LYS A 85 -3.63 25.32 0.94
CA LYS A 85 -3.56 26.79 0.87
C LYS A 85 -2.33 27.28 0.09
N LYS A 86 -1.22 26.55 0.22
CA LYS A 86 -0.01 26.87 -0.54
C LYS A 86 -0.02 26.51 -2.02
N TRP A 87 -0.97 25.68 -2.47
CA TRP A 87 -1.01 25.27 -3.89
C TRP A 87 -1.00 26.51 -4.79
N PHE A 88 -1.85 27.45 -4.42
CA PHE A 88 -2.12 28.63 -5.23
C PHE A 88 -0.89 29.52 -5.36
N GLU A 89 -0.10 29.62 -4.31
CA GLU A 89 1.17 30.36 -4.34
C GLU A 89 2.18 29.69 -5.25
N LEU A 90 2.30 28.38 -5.10
CA LEU A 90 3.33 27.60 -5.80
C LEU A 90 3.02 27.37 -7.27
N ALA A 91 1.74 27.20 -7.59
CA ALA A 91 1.32 26.88 -8.95
C ALA A 91 1.60 28.04 -9.90
N ARG A 92 2.13 27.71 -11.08
CA ARG A 92 2.22 28.65 -12.19
C ARG A 92 0.91 28.62 -12.98
N CYS A 93 0.44 27.42 -13.28
CA CYS A 93 -0.90 27.22 -13.83
C CYS A 93 -1.90 27.66 -12.78
N LYS A 94 -2.71 28.66 -13.11
CA LYS A 94 -3.72 29.14 -12.18
C LYS A 94 -5.00 28.31 -12.29
N TYR A 95 -5.62 28.02 -11.14
CA TYR A 95 -6.89 27.30 -11.12
C TYR A 95 -7.88 28.12 -11.91
N ASP A 96 -8.58 27.43 -12.80
CA ASP A 96 -9.53 28.02 -13.74
C ASP A 96 -10.94 27.54 -13.37
N SER A 97 -11.59 28.29 -12.49
CA SER A 97 -12.89 27.88 -11.94
C SER A 97 -13.98 27.85 -13.01
N PRO A 98 -14.87 26.83 -12.97
CA PRO A 98 -16.04 26.84 -13.83
C PRO A 98 -16.94 28.04 -13.54
N THR A 99 -17.30 28.73 -14.61
CA THR A 99 -18.31 29.78 -14.57
C THR A 99 -19.46 29.31 -15.49
N ALA A 100 -19.19 29.33 -16.79
CA ALA A 100 -20.08 28.71 -17.76
C ALA A 100 -19.93 27.16 -17.68
N PHE A 101 -21.06 26.47 -17.65
CA PHE A 101 -21.10 25.01 -17.51
C PHE A 101 -21.20 24.24 -18.85
N ASP A 102 -21.31 24.96 -19.95
CA ASP A 102 -21.40 24.33 -21.27
C ASP A 102 -20.06 23.69 -21.60
N SER A 103 -20.13 22.66 -22.43
CA SER A 103 -18.98 21.82 -22.66
C SER A 103 -17.82 22.54 -23.35
N VAL A 104 -18.11 23.43 -24.31
CA VAL A 104 -17.07 24.21 -25.02
C VAL A 104 -16.29 25.08 -24.03
N SER A 105 -17.01 25.77 -23.15
CA SER A 105 -16.36 26.61 -22.14
C SER A 105 -15.40 25.77 -21.27
N LEU A 106 -15.92 24.67 -20.73
CA LEU A 106 -15.12 23.81 -19.85
C LEU A 106 -13.96 23.15 -20.61
N LEU A 107 -14.21 22.72 -21.83
CA LEU A 107 -13.16 22.18 -22.70
C LEU A 107 -12.01 23.17 -22.91
N ASN A 108 -12.36 24.42 -23.18
CA ASN A 108 -11.35 25.46 -23.42
C ASN A 108 -10.50 25.73 -22.18
N GLN A 109 -11.17 25.80 -21.03
CA GLN A 109 -10.47 25.99 -19.75
C GLN A 109 -9.45 24.88 -19.50
N ASN A 110 -9.90 23.64 -19.70
CA ASN A 110 -9.04 22.48 -19.44
C ASN A 110 -7.90 22.35 -20.46
N VAL A 111 -8.16 22.75 -21.71
CA VAL A 111 -7.09 22.81 -22.71
C VAL A 111 -5.94 23.76 -22.31
N SER A 112 -6.28 24.91 -21.70
CA SER A 112 -5.24 25.84 -21.21
C SER A 112 -4.44 25.23 -20.09
N SER A 113 -5.14 24.60 -19.16
CA SER A 113 -4.48 23.96 -18.05
C SER A 113 -3.52 22.91 -18.56
N GLU A 114 -3.96 22.14 -19.57
CA GLU A 114 -3.12 21.13 -20.22
C GLU A 114 -1.86 21.70 -20.84
N ARG A 115 -2.01 22.76 -21.64
CA ARG A 115 -0.88 23.37 -22.35
C ARG A 115 0.17 23.84 -21.32
N CYS A 116 -0.32 24.38 -20.21
CA CYS A 116 0.52 24.80 -19.09
C CYS A 116 1.25 23.61 -18.42
N ALA A 117 0.54 22.49 -18.31
CA ALA A 117 1.13 21.23 -17.81
C ALA A 117 2.22 20.70 -18.75
N ILE A 118 1.97 20.75 -20.04
CA ILE A 118 2.94 20.28 -20.99
C ILE A 118 4.23 21.06 -20.81
N LEU A 119 4.10 22.38 -20.66
CA LEU A 119 5.26 23.26 -20.51
C LEU A 119 6.05 22.91 -19.25
N ARG A 120 5.35 22.67 -18.15
CA ARG A 120 5.96 22.24 -16.89
C ARG A 120 6.84 21.00 -17.02
N TYR A 121 6.32 19.98 -17.70
CA TYR A 121 7.03 18.69 -17.76
C TYR A 121 8.15 18.71 -18.79
N GLN A 122 7.97 19.49 -19.85
CA GLN A 122 9.09 19.75 -20.76
C GLN A 122 10.24 20.43 -20.02
N GLU A 123 9.92 21.41 -19.19
CA GLU A 123 10.95 22.07 -18.37
C GLU A 123 11.68 21.08 -17.48
N ILE A 124 10.92 20.27 -16.75
CA ILE A 124 11.50 19.32 -15.79
C ILE A 124 12.30 18.26 -16.54
N ALA A 125 11.76 17.79 -17.65
CA ALA A 125 12.49 16.84 -18.52
C ALA A 125 13.82 17.45 -19.00
N ASN A 126 13.75 18.66 -19.53
CA ASN A 126 14.96 19.41 -19.96
C ASN A 126 15.96 19.61 -18.83
N PHE A 127 15.45 19.98 -17.67
CA PHE A 127 16.28 20.21 -16.48
C PHE A 127 17.04 18.95 -16.04
N THR A 128 16.39 17.79 -16.17
CA THR A 128 16.90 16.52 -15.64
C THR A 128 17.51 15.58 -16.70
N ASN A 129 17.27 15.87 -17.96
CA ASN A 129 17.74 15.02 -19.04
C ASN A 129 19.23 14.70 -18.90
N GLY A 130 19.56 13.42 -18.89
CA GLY A 130 20.94 12.95 -18.81
C GLY A 130 21.57 13.09 -17.45
N LYS A 131 20.82 13.57 -16.48
CA LYS A 131 21.38 13.89 -15.15
C LYS A 131 20.67 13.17 -14.03
N ASP A 132 19.35 13.33 -13.99
CA ASP A 132 18.49 12.57 -13.07
C ASP A 132 17.56 11.72 -13.94
N TYR A 133 18.08 10.59 -14.37
CA TYR A 133 17.37 9.68 -15.30
C TYR A 133 15.98 9.32 -14.80
N THR A 134 15.88 9.01 -13.50
CA THR A 134 14.65 8.59 -12.88
C THR A 134 13.57 9.69 -12.91
N THR A 135 13.94 10.90 -12.48
CA THR A 135 13.00 12.05 -12.49
C THR A 135 12.65 12.44 -13.91
N CYS A 136 13.63 12.36 -14.79
CA CYS A 136 13.39 12.68 -16.18
C CYS A 136 12.30 11.79 -16.79
N ASP A 137 12.40 10.48 -16.56
CA ASP A 137 11.44 9.51 -17.10
C ASP A 137 10.05 9.72 -16.53
N ILE A 138 9.97 10.12 -15.26
CA ILE A 138 8.70 10.51 -14.65
C ILE A 138 8.08 11.71 -15.36
N ALA A 139 8.89 12.74 -15.61
CA ALA A 139 8.39 13.93 -16.29
C ALA A 139 7.92 13.59 -17.71
N LYS A 140 8.72 12.79 -18.41
CA LYS A 140 8.38 12.35 -19.78
C LYS A 140 7.10 11.52 -19.83
N HIS A 141 6.93 10.66 -18.84
CA HIS A 141 5.72 9.86 -18.71
C HIS A 141 4.46 10.75 -18.55
N ILE A 142 4.52 11.66 -17.58
CA ILE A 142 3.44 12.61 -17.33
C ILE A 142 3.20 13.47 -18.56
N LEU A 143 4.29 14.00 -19.13
CA LEU A 143 4.23 14.80 -20.35
C LEU A 143 3.44 14.12 -21.45
N ALA A 144 3.74 12.85 -21.71
CA ALA A 144 3.05 12.08 -22.78
C ALA A 144 1.55 12.02 -22.53
N GLU A 145 1.17 11.86 -21.27
CA GLU A 145 -0.24 11.87 -20.89
C GLU A 145 -0.90 13.25 -21.07
N GLU A 146 -0.17 14.31 -20.74
CA GLU A 146 -0.73 15.68 -20.87
C GLU A 146 -0.97 16.03 -22.34
N GLU A 147 -0.06 15.61 -23.21
CA GLU A 147 -0.24 15.78 -24.65
C GLU A 147 -1.46 15.02 -25.16
N GLU A 148 -1.69 13.83 -24.62
CA GLU A 148 -2.89 13.03 -24.97
C GLU A 148 -4.15 13.73 -24.49
N HIS A 149 -4.11 14.22 -23.26
CA HIS A 149 -5.23 14.99 -22.69
C HIS A 149 -5.59 16.17 -23.57
N GLU A 150 -4.58 16.92 -23.98
CA GLU A 150 -4.80 18.06 -24.88
C GLU A 150 -5.52 17.61 -26.15
N GLN A 151 -4.97 16.57 -26.77
CA GLN A 151 -5.57 15.99 -27.99
C GLN A 151 -7.01 15.56 -27.80
N ASP A 152 -7.29 14.89 -26.69
CA ASP A 152 -8.64 14.41 -26.38
C ASP A 152 -9.63 15.57 -26.33
N LEU A 153 -9.21 16.66 -25.68
CA LEU A 153 -10.09 17.79 -25.47
C LEU A 153 -10.29 18.56 -26.79
N GLN A 154 -9.20 18.78 -27.50
CA GLN A 154 -9.25 19.43 -28.78
C GLN A 154 -10.20 18.70 -29.76
N ASP A 155 -10.18 17.38 -29.73
CA ASP A 155 -11.04 16.59 -30.60
C ASP A 155 -12.49 16.97 -30.37
N TYR A 156 -12.92 17.07 -29.12
CA TYR A 156 -14.32 17.45 -28.84
C TYR A 156 -14.65 18.86 -29.36
N LEU A 157 -13.74 19.80 -29.12
CA LEU A 157 -13.89 21.18 -29.64
C LEU A 157 -14.05 21.14 -31.15
N THR A 158 -13.18 20.39 -31.81
CA THR A 158 -13.25 20.21 -33.25
C THR A 158 -14.58 19.61 -33.69
N ASP A 159 -15.05 18.60 -32.97
CA ASP A 159 -16.28 17.91 -33.35
C ASP A 159 -17.51 18.80 -33.22
N ILE A 160 -17.54 19.55 -32.13
CA ILE A 160 -18.68 20.43 -31.82
C ILE A 160 -18.74 21.58 -32.83
N ALA A 161 -17.61 22.24 -33.06
CA ALA A 161 -17.46 23.26 -34.11
C ALA A 161 -17.92 22.73 -35.46
N ARG A 162 -17.49 21.53 -35.79
CA ARG A 162 -17.87 20.88 -37.06
C ARG A 162 -19.36 20.53 -37.17
N MET A 163 -19.94 20.06 -36.06
CA MET A 163 -21.38 19.82 -35.99
C MET A 163 -22.17 21.09 -36.28
N LYS A 164 -21.74 22.17 -35.63
CA LYS A 164 -22.37 23.48 -35.70
C LYS A 164 -22.48 23.91 -37.18
N GLU A 165 -21.33 23.96 -37.86
CA GLU A 165 -21.29 24.25 -39.30
C GLU A 165 -22.29 23.36 -40.04
N SER A 166 -22.07 22.07 -39.90
CA SER A 166 -22.83 21.02 -40.60
C SER A 166 -24.36 21.20 -40.49
N PHE A 167 -24.81 21.74 -39.36
CA PHE A 167 -26.25 21.89 -39.08
C PHE A 167 -26.87 23.15 -39.70
N LEU A 168 -26.04 23.98 -40.34
CA LEU A 168 -26.51 25.20 -41.01
C LEU A 168 -26.36 25.00 -42.52
N LYS A 169 -27.50 24.73 -43.18
CA LYS A 169 -27.54 24.21 -44.55
C LYS A 169 -28.83 23.41 -44.70
N ALA B 2 -32.28 16.23 -9.71
CA ALA B 2 -33.54 15.50 -10.02
C ALA B 2 -34.74 16.36 -9.57
N LYS B 3 -35.32 17.09 -10.54
CA LYS B 3 -36.32 18.15 -10.27
C LYS B 3 -37.56 17.65 -9.55
N GLU B 4 -38.12 16.56 -10.03
CA GLU B 4 -39.34 15.99 -9.43
C GLU B 4 -39.08 15.47 -8.01
N SER B 5 -37.91 14.86 -7.82
CA SER B 5 -37.52 14.35 -6.51
C SER B 5 -37.38 15.51 -5.51
N VAL B 6 -36.73 16.59 -5.95
CA VAL B 6 -36.49 17.77 -5.09
C VAL B 6 -37.81 18.46 -4.72
N LYS B 7 -38.70 18.55 -5.71
CA LYS B 7 -40.05 19.08 -5.54
C LYS B 7 -40.76 18.38 -4.36
N ILE B 8 -40.72 17.04 -4.40
CA ILE B 8 -41.26 16.21 -3.32
C ILE B 8 -40.56 16.48 -1.99
N LEU B 9 -39.24 16.52 -2.02
CA LEU B 9 -38.42 16.68 -0.79
C LEU B 9 -38.58 18.06 -0.14
N GLN B 10 -38.76 19.09 -0.97
CA GLN B 10 -38.98 20.47 -0.48
C GLN B 10 -40.21 20.58 0.47
N GLY B 11 -41.17 19.69 0.29
CA GLY B 11 -42.31 19.59 1.20
C GLY B 11 -41.98 19.05 2.58
N LYS B 12 -40.88 18.30 2.68
CA LYS B 12 -40.51 17.58 3.92
C LYS B 12 -39.38 18.26 4.71
N LEU B 13 -38.48 18.94 4.03
CA LEU B 13 -37.35 19.61 4.71
C LEU B 13 -36.79 20.79 3.91
N ASP B 14 -35.91 21.54 4.57
CA ASP B 14 -35.21 22.66 3.95
C ASP B 14 -34.02 22.16 3.11
N VAL B 15 -34.28 21.93 1.83
CA VAL B 15 -33.28 21.39 0.88
C VAL B 15 -32.10 22.34 0.69
N LYS B 16 -32.39 23.63 0.64
CA LYS B 16 -31.39 24.67 0.47
C LYS B 16 -30.34 24.59 1.59
N SER B 17 -30.84 24.48 2.82
CA SER B 17 -29.96 24.28 3.98
C SER B 17 -29.18 22.96 3.88
N LEU B 18 -29.86 21.88 3.48
CA LEU B 18 -29.22 20.58 3.28
C LEU B 18 -28.03 20.72 2.32
N ILE B 19 -28.25 21.37 1.19
CA ILE B 19 -27.18 21.59 0.20
C ILE B 19 -25.96 22.31 0.80
N ASP B 20 -26.21 23.36 1.58
CA ASP B 20 -25.13 24.08 2.27
C ASP B 20 -24.34 23.15 3.21
N GLN B 21 -25.04 22.32 3.96
CA GLN B 21 -24.40 21.36 4.86
C GLN B 21 -23.56 20.36 4.06
N LEU B 22 -24.12 19.90 2.96
CA LEU B 22 -23.42 18.97 2.07
C LEU B 22 -22.15 19.59 1.47
N ASN B 23 -22.23 20.87 1.09
CA ASN B 23 -21.04 21.58 0.54
C ASN B 23 -19.95 21.86 1.58
N ALA B 24 -20.38 22.10 2.82
CA ALA B 24 -19.46 22.17 3.96
C ALA B 24 -18.81 20.78 4.17
N ALA B 25 -19.62 19.72 4.17
CA ALA B 25 -19.11 18.34 4.23
C ALA B 25 -18.13 18.02 3.09
N LEU B 26 -18.49 18.44 1.88
CA LEU B 26 -17.64 18.20 0.70
C LEU B 26 -16.26 18.82 0.87
N SER B 27 -16.28 20.08 1.28
CA SER B 27 -15.07 20.84 1.56
C SER B 27 -14.20 20.12 2.57
N GLU B 28 -14.84 19.65 3.63
CA GLU B 28 -14.18 18.93 4.70
C GLU B 28 -13.57 17.61 4.23
N GLU B 29 -14.28 16.87 3.37
CA GLU B 29 -13.77 15.63 2.80
C GLU B 29 -12.49 15.84 1.99
N TRP B 30 -12.47 16.87 1.15
CA TRP B 30 -11.28 17.18 0.36
C TRP B 30 -10.07 17.55 1.22
N LEU B 31 -10.32 18.26 2.31
CA LEU B 31 -9.27 18.63 3.23
C LEU B 31 -8.76 17.39 3.99
N ALA B 32 -9.70 16.60 4.48
CA ALA B 32 -9.36 15.35 5.18
C ALA B 32 -8.61 14.38 4.26
N TYR B 33 -9.05 14.30 3.01
CA TYR B 33 -8.40 13.53 1.96
C TYR B 33 -6.93 13.93 1.82
N TYR B 34 -6.68 15.20 1.56
CA TYR B 34 -5.30 15.69 1.41
C TYR B 34 -4.47 15.51 2.67
N GLN B 35 -5.10 15.77 3.80
CA GLN B 35 -4.42 15.66 5.08
C GLN B 35 -3.84 14.24 5.26
N TYR B 36 -4.68 13.26 5.00
CA TYR B 36 -4.24 11.85 5.07
C TYR B 36 -3.17 11.56 4.01
N TRP B 37 -3.39 12.08 2.82
CA TRP B 37 -2.52 11.80 1.67
C TRP B 37 -1.09 12.28 1.92
N VAL B 38 -0.98 13.51 2.42
CA VAL B 38 0.33 14.11 2.66
C VAL B 38 0.92 13.56 3.94
N GLY B 39 0.05 13.30 4.93
CA GLY B 39 0.46 12.62 6.17
C GLY B 39 1.13 11.27 5.89
N ALA B 40 0.55 10.50 4.98
CA ALA B 40 1.11 9.24 4.55
C ALA B 40 2.50 9.46 3.96
N LEU B 41 2.66 10.52 3.20
CA LEU B 41 3.94 10.83 2.55
C LEU B 41 5.08 11.20 3.52
N VAL B 42 4.75 11.71 4.70
CA VAL B 42 5.76 12.22 5.65
C VAL B 42 5.86 11.47 6.99
N VAL B 43 4.89 10.62 7.31
CA VAL B 43 4.90 9.92 8.59
C VAL B 43 6.20 9.14 8.85
N GLU B 44 6.67 9.19 10.08
CA GLU B 44 7.89 8.49 10.53
C GLU B 44 7.68 7.98 11.95
N GLY B 45 8.40 6.93 12.27
CA GLY B 45 8.50 6.43 13.64
C GLY B 45 7.81 5.12 13.92
N ALA B 46 7.26 5.05 15.13
CA ALA B 46 6.61 3.84 15.64
C ALA B 46 5.49 3.38 14.70
N MET B 47 5.53 2.10 14.36
CA MET B 47 4.53 1.47 13.53
C MET B 47 4.27 2.23 12.22
N ARG B 48 5.32 2.81 11.65
CA ARG B 48 5.17 3.70 10.48
C ARG B 48 4.48 3.00 9.29
N ALA B 49 4.95 1.82 8.91
CA ALA B 49 4.42 1.13 7.73
C ALA B 49 2.92 0.90 7.85
N ASP B 50 2.49 0.42 8.99
CA ASP B 50 1.05 0.28 9.27
C ASP B 50 0.27 1.60 9.24
N VAL B 51 0.80 2.62 9.93
CA VAL B 51 0.14 3.91 10.05
C VAL B 51 0.09 4.59 8.67
N GLN B 52 1.19 4.51 7.95
CA GLN B 52 1.25 5.04 6.61
C GLN B 52 0.19 4.40 5.71
N GLY B 53 0.09 3.07 5.81
CA GLY B 53 -0.90 2.28 5.09
C GLY B 53 -2.30 2.71 5.41
N GLU B 54 -2.63 2.92 6.69
CA GLU B 54 -3.97 3.39 7.04
C GLU B 54 -4.28 4.75 6.48
N PHE B 55 -3.30 5.65 6.55
CA PHE B 55 -3.46 6.99 6.01
C PHE B 55 -3.76 6.92 4.52
N GLU B 56 -3.03 6.07 3.81
CA GLU B 56 -3.28 5.86 2.36
C GLU B 56 -4.71 5.32 2.10
N GLU B 57 -5.13 4.34 2.89
CA GLU B 57 -6.43 3.75 2.75
C GLU B 57 -7.53 4.78 3.04
N HIS B 58 -7.33 5.50 4.15
CA HIS B 58 -8.28 6.53 4.59
C HIS B 58 -8.37 7.67 3.60
N ALA B 59 -7.24 8.11 3.06
CA ALA B 59 -7.25 9.09 1.97
C ALA B 59 -8.23 8.65 0.87
N GLU B 60 -8.14 7.39 0.45
CA GLU B 60 -8.98 6.88 -0.61
C GLU B 60 -10.45 6.82 -0.19
N GLU B 61 -10.70 6.50 1.07
CA GLU B 61 -12.07 6.43 1.58
C GLU B 61 -12.75 7.81 1.65
N GLU B 62 -12.01 8.84 2.08
CA GLU B 62 -12.56 10.21 2.13
C GLU B 62 -12.84 10.70 0.71
N ARG B 63 -11.92 10.43 -0.20
N ARG B 63 -11.90 10.39 -0.18
CA ARG B 63 -12.14 10.76 -1.61
CA ARG B 63 -12.03 10.59 -1.62
C ARG B 63 -13.49 10.20 -2.06
C ARG B 63 -13.36 10.07 -2.18
N HIS B 64 -13.73 8.91 -1.81
N HIS B 64 -13.77 8.87 -1.76
CA HIS B 64 -15.01 8.30 -2.19
CA HIS B 64 -15.05 8.33 -2.22
C HIS B 64 -16.21 9.01 -1.52
C HIS B 64 -16.24 9.00 -1.51
N HIS B 65 -16.03 9.39 -0.26
CA HIS B 65 -17.06 10.17 0.48
C HIS B 65 -17.43 11.41 -0.28
N ALA B 66 -16.40 12.14 -0.71
CA ALA B 66 -16.54 13.37 -1.53
C ALA B 66 -17.44 13.14 -2.75
N GLN B 67 -17.25 12.00 -3.43
CA GLN B 67 -18.01 11.69 -4.63
C GLN B 67 -19.47 11.42 -4.29
N LEU B 68 -19.71 10.63 -3.25
CA LEU B 68 -21.07 10.36 -2.77
C LEU B 68 -21.83 11.66 -2.48
N ILE B 69 -21.14 12.58 -1.81
CA ILE B 69 -21.72 13.86 -1.39
C ILE B 69 -21.99 14.73 -2.63
N ALA B 70 -20.95 14.92 -3.44
CA ALA B 70 -21.07 15.75 -4.63
C ALA B 70 -22.17 15.27 -5.55
N ASP B 71 -22.22 13.98 -5.82
CA ASP B 71 -23.26 13.41 -6.68
C ASP B 71 -24.67 13.71 -6.13
N ARG B 72 -24.82 13.61 -4.82
CA ARG B 72 -26.10 13.86 -4.18
C ARG B 72 -26.51 15.36 -4.22
N ILE B 73 -25.51 16.23 -4.06
CA ILE B 73 -25.73 17.68 -4.22
C ILE B 73 -26.37 17.95 -5.59
N ILE B 74 -25.77 17.41 -6.65
CA ILE B 74 -26.28 17.52 -8.02
C ILE B 74 -27.74 17.02 -8.11
N GLU B 75 -28.03 15.89 -7.49
CA GLU B 75 -29.39 15.34 -7.47
C GLU B 75 -30.40 16.22 -6.70
N LEU B 76 -29.89 17.01 -5.77
CA LEU B 76 -30.71 17.96 -5.02
C LEU B 76 -30.77 19.32 -5.72
N GLU B 77 -30.36 19.36 -6.99
CA GLU B 77 -30.35 20.56 -7.81
C GLU B 77 -29.42 21.64 -7.25
N GLY B 78 -28.40 21.21 -6.52
CA GLY B 78 -27.38 22.12 -6.01
C GLY B 78 -26.13 22.15 -6.89
N VAL B 79 -25.21 23.04 -6.54
CA VAL B 79 -23.92 23.11 -7.22
C VAL B 79 -22.83 22.82 -6.17
N PRO B 80 -21.96 21.84 -6.44
CA PRO B 80 -20.87 21.61 -5.49
C PRO B 80 -19.85 22.71 -5.56
N VAL B 81 -19.13 22.91 -4.48
CA VAL B 81 -18.10 23.97 -4.40
C VAL B 81 -17.15 23.83 -5.58
N LEU B 82 -17.03 24.92 -6.35
CA LEU B 82 -16.36 24.94 -7.65
C LEU B 82 -14.89 25.33 -7.56
N ASP B 83 -14.45 25.78 -6.39
CA ASP B 83 -13.12 26.34 -6.24
C ASP B 83 -12.56 25.90 -4.88
N PRO B 84 -11.37 25.27 -4.88
CA PRO B 84 -10.77 24.82 -3.62
C PRO B 84 -10.49 25.95 -2.62
N LYS B 85 -10.24 27.16 -3.13
CA LYS B 85 -10.08 28.34 -2.25
C LYS B 85 -11.25 28.50 -1.29
N LYS B 86 -12.45 28.13 -1.72
CA LYS B 86 -13.64 28.18 -0.85
C LYS B 86 -13.74 27.08 0.21
N TRP B 87 -12.98 25.98 0.07
CA TRP B 87 -13.04 24.88 1.04
C TRP B 87 -12.85 25.40 2.47
N PHE B 88 -11.85 26.25 2.62
CA PHE B 88 -11.45 26.77 3.94
C PHE B 88 -12.52 27.64 4.58
N GLU B 89 -13.25 28.40 3.78
CA GLU B 89 -14.39 29.18 4.28
C GLU B 89 -15.53 28.30 4.75
N LEU B 90 -15.86 27.31 3.93
CA LEU B 90 -17.02 26.44 4.14
C LEU B 90 -16.82 25.39 5.23
N ALA B 91 -15.60 24.89 5.33
CA ALA B 91 -15.29 23.82 6.28
C ALA B 91 -15.44 24.30 7.72
N ARG B 92 -16.08 23.47 8.55
CA ARG B 92 -16.06 23.66 9.99
C ARG B 92 -14.81 23.00 10.56
N CYS B 93 -14.56 21.76 10.12
CA CYS B 93 -13.29 21.07 10.42
C CYS B 93 -12.17 21.83 9.72
N LYS B 94 -11.26 22.39 10.51
CA LYS B 94 -10.15 23.13 9.92
C LYS B 94 -9.03 22.16 9.48
N TYR B 95 -8.41 22.47 8.35
CA TYR B 95 -7.25 21.72 7.89
C TYR B 95 -6.16 21.78 8.95
N ASP B 96 -5.65 20.61 9.29
CA ASP B 96 -4.66 20.43 10.35
C ASP B 96 -3.34 20.00 9.71
N SER B 97 -2.52 20.99 9.38
CA SER B 97 -1.28 20.77 8.63
C SER B 97 -0.24 19.96 9.44
N PRO B 98 0.44 19.02 8.77
CA PRO B 98 1.58 18.37 9.44
C PRO B 98 2.69 19.35 9.80
N THR B 99 3.10 19.30 11.06
CA THR B 99 4.27 20.03 11.53
C THR B 99 5.28 18.97 12.01
N ALA B 100 4.95 18.32 13.13
CA ALA B 100 5.70 17.14 13.57
C ALA B 100 5.30 15.92 12.70
N PHE B 101 6.31 15.19 12.23
CA PHE B 101 6.12 14.05 11.30
C PHE B 101 6.01 12.69 11.98
N ASP B 102 6.19 12.65 13.29
CA ASP B 102 6.11 11.40 14.04
C ASP B 102 4.68 10.91 14.07
N SER B 103 4.53 9.60 14.20
CA SER B 103 3.25 8.97 13.96
C SER B 103 2.20 9.36 15.01
N VAL B 104 2.60 9.49 16.27
CA VAL B 104 1.66 9.92 17.35
C VAL B 104 1.06 11.32 17.03
N SER B 105 1.92 12.24 16.59
CA SER B 105 1.47 13.59 16.25
C SER B 105 0.45 13.55 15.12
N LEU B 106 0.80 12.82 14.06
CA LEU B 106 -0.09 12.70 12.89
C LEU B 106 -1.39 11.95 13.21
N LEU B 107 -1.28 10.90 14.00
CA LEU B 107 -2.44 10.15 14.47
C LEU B 107 -3.42 11.04 15.25
N ASN B 108 -2.88 11.88 16.12
CA ASN B 108 -3.73 12.76 16.96
C ASN B 108 -4.46 13.78 16.12
N GLN B 109 -3.73 14.38 15.18
CA GLN B 109 -4.33 15.34 14.25
C GLN B 109 -5.47 14.72 13.48
N ASN B 110 -5.25 13.52 12.94
CA ASN B 110 -6.28 12.86 12.13
C ASN B 110 -7.45 12.38 12.96
N VAL B 111 -7.21 11.99 14.20
CA VAL B 111 -8.30 11.63 15.12
C VAL B 111 -9.24 12.83 15.37
N SER B 112 -8.65 14.01 15.51
CA SER B 112 -9.44 15.25 15.66
C SER B 112 -10.34 15.44 14.47
N SER B 113 -9.77 15.30 13.27
CA SER B 113 -10.53 15.42 12.03
C SER B 113 -11.68 14.42 11.95
N GLU B 114 -11.44 13.19 12.42
CA GLU B 114 -12.48 12.16 12.39
C GLU B 114 -13.64 12.51 13.33
N ARG B 115 -13.29 13.01 14.51
CA ARG B 115 -14.29 13.47 15.47
C ARG B 115 -15.17 14.53 14.80
N CYS B 116 -14.52 15.46 14.10
CA CYS B 116 -15.26 16.52 13.44
C CYS B 116 -16.16 15.97 12.33
N ALA B 117 -15.66 14.99 11.59
CA ALA B 117 -16.43 14.34 10.52
C ALA B 117 -17.63 13.59 11.11
N ILE B 118 -17.40 12.87 12.20
CA ILE B 118 -18.49 12.21 12.91
C ILE B 118 -19.61 13.18 13.30
N LEU B 119 -19.25 14.38 13.74
CA LEU B 119 -20.24 15.38 14.15
C LEU B 119 -21.06 15.84 12.96
N ARG B 120 -20.37 16.08 11.86
CA ARG B 120 -21.02 16.46 10.61
C ARG B 120 -22.10 15.47 10.12
N TYR B 121 -21.78 14.18 10.10
CA TYR B 121 -22.68 13.20 9.46
C TYR B 121 -23.82 12.81 10.39
N GLN B 122 -23.57 12.88 11.69
CA GLN B 122 -24.67 12.77 12.65
C GLN B 122 -25.67 13.91 12.45
N GLU B 123 -25.15 15.13 12.30
CA GLU B 123 -26.02 16.27 12.02
C GLU B 123 -26.86 16.05 10.78
N ILE B 124 -26.19 15.67 9.69
CA ILE B 124 -26.88 15.51 8.41
C ILE B 124 -27.89 14.36 8.48
N ALA B 125 -27.48 13.27 9.12
CA ALA B 125 -28.38 12.14 9.36
C ALA B 125 -29.61 12.58 10.19
N ASN B 126 -29.36 13.32 11.25
CA ASN B 126 -30.44 13.86 12.10
C ASN B 126 -31.38 14.79 11.31
N PHE B 127 -30.76 15.66 10.52
CA PHE B 127 -31.48 16.63 9.69
C PHE B 127 -32.40 15.95 8.68
N THR B 128 -31.97 14.81 8.15
CA THR B 128 -32.65 14.16 7.02
C THR B 128 -33.44 12.91 7.39
N ASN B 129 -33.24 12.42 8.61
CA ASN B 129 -33.88 11.18 9.07
C ASN B 129 -35.40 11.21 8.87
N GLY B 130 -35.92 10.24 8.15
CA GLY B 130 -37.35 10.13 7.91
C GLY B 130 -37.93 11.07 6.87
N LYS B 131 -37.08 11.91 6.29
CA LYS B 131 -37.51 12.97 5.38
C LYS B 131 -36.87 12.88 3.98
N ASP B 132 -35.54 12.81 3.96
CA ASP B 132 -34.75 12.55 2.76
C ASP B 132 -34.00 11.24 3.02
N TYR B 133 -34.71 10.14 2.76
CA TYR B 133 -34.23 8.79 3.01
C TYR B 133 -32.87 8.56 2.35
N THR B 134 -32.75 9.02 1.11
CA THR B 134 -31.56 8.79 0.27
C THR B 134 -30.34 9.50 0.82
N THR B 135 -30.47 10.80 1.10
CA THR B 135 -29.36 11.56 1.69
C THR B 135 -29.03 11.09 3.08
N CYS B 136 -30.05 10.69 3.83
CA CYS B 136 -29.84 10.14 5.18
C CYS B 136 -28.95 8.92 5.14
N ASP B 137 -29.25 7.98 4.23
CA ASP B 137 -28.48 6.72 4.11
C ASP B 137 -27.04 6.98 3.67
N ILE B 138 -26.84 7.95 2.79
CA ILE B 138 -25.50 8.42 2.44
C ILE B 138 -24.75 8.92 3.68
N ALA B 139 -25.40 9.75 4.47
CA ALA B 139 -24.75 10.30 5.68
C ALA B 139 -24.38 9.19 6.66
N LYS B 140 -25.30 8.26 6.86
CA LYS B 140 -25.09 7.11 7.75
C LYS B 140 -23.95 6.21 7.29
N HIS B 141 -23.89 6.00 5.98
CA HIS B 141 -22.83 5.21 5.35
C HIS B 141 -21.46 5.83 5.63
N ILE B 142 -21.35 7.11 5.35
CA ILE B 142 -20.11 7.84 5.60
C ILE B 142 -19.78 7.85 7.10
N LEU B 143 -20.81 8.09 7.92
CA LEU B 143 -20.66 8.09 9.39
C LEU B 143 -20.01 6.82 9.89
N ALA B 144 -20.54 5.67 9.45
CA ALA B 144 -20.04 4.36 9.85
C ALA B 144 -18.56 4.24 9.55
N GLU B 145 -18.15 4.73 8.39
CA GLU B 145 -16.73 4.72 7.99
C GLU B 145 -15.85 5.67 8.82
N GLU B 146 -16.38 6.83 9.18
CA GLU B 146 -15.64 7.78 10.02
C GLU B 146 -15.39 7.19 11.43
N GLU B 147 -16.41 6.51 11.96
CA GLU B 147 -16.28 5.86 13.28
C GLU B 147 -15.23 4.77 13.25
N GLU B 148 -15.16 4.05 12.13
CA GLU B 148 -14.13 3.02 11.91
C GLU B 148 -12.74 3.66 11.80
N HIS B 149 -12.65 4.74 11.03
CA HIS B 149 -11.40 5.51 10.95
C HIS B 149 -10.89 5.93 12.34
N GLU B 150 -11.80 6.48 13.15
CA GLU B 150 -11.42 6.88 14.51
C GLU B 150 -10.84 5.69 15.28
N GLN B 151 -11.57 4.59 15.25
CA GLN B 151 -11.15 3.37 15.91
C GLN B 151 -9.78 2.91 15.45
N ASP B 152 -9.57 2.93 14.14
CA ASP B 152 -8.31 2.50 13.53
C ASP B 152 -7.14 3.31 14.07
N LEU B 153 -7.33 4.62 14.14
CA LEU B 153 -6.28 5.54 14.58
C LEU B 153 -6.02 5.41 16.07
N GLN B 154 -7.09 5.36 16.84
CA GLN B 154 -7.01 5.19 18.27
C GLN B 154 -6.24 3.91 18.65
N ASP B 155 -6.47 2.83 17.91
CA ASP B 155 -5.77 1.57 18.16
C ASP B 155 -4.25 1.77 18.07
N TYR B 156 -3.78 2.50 17.07
CA TYR B 156 -2.32 2.75 16.99
C TYR B 156 -1.82 3.56 18.18
N LEU B 157 -2.55 4.61 18.52
CA LEU B 157 -2.20 5.44 19.70
C LEU B 157 -2.10 4.55 20.94
N THR B 158 -3.10 3.69 21.12
CA THR B 158 -3.15 2.76 22.24
C THR B 158 -1.95 1.82 22.20
N ASP B 159 -1.60 1.33 21.02
CA ASP B 159 -0.52 0.35 20.89
C ASP B 159 0.84 0.96 21.18
N ILE B 160 1.05 2.15 20.67
CA ILE B 160 2.32 2.87 20.88
C ILE B 160 2.52 3.31 22.35
N ALA B 161 1.47 3.86 22.96
CA ALA B 161 1.46 4.14 24.40
C ALA B 161 1.80 2.88 25.22
N ARG B 162 1.16 1.78 24.87
CA ARG B 162 1.36 0.50 25.56
C ARG B 162 2.78 -0.08 25.39
N MET B 163 3.32 0.05 24.17
CA MET B 163 4.72 -0.33 23.91
C MET B 163 5.67 0.43 24.80
N LYS B 164 5.44 1.73 24.87
CA LYS B 164 6.27 2.66 25.63
C LYS B 164 6.36 2.21 27.08
N GLU B 165 5.21 2.04 27.72
CA GLU B 165 5.15 1.49 29.09
C GLU B 165 5.96 0.20 29.18
N SER B 166 5.54 -0.76 28.36
CA SER B 166 6.11 -2.11 28.34
C SER B 166 7.64 -2.16 28.24
N PHE B 167 8.23 -1.17 27.58
CA PHE B 167 9.68 -1.14 27.37
C PHE B 167 10.46 -0.54 28.55
N LEU B 168 9.75 -0.09 29.59
CA LEU B 168 10.37 0.49 30.80
C LEU B 168 10.18 -0.42 32.02
N ALA C 2 21.28 -10.56 -31.40
CA ALA C 2 20.68 -9.94 -32.62
C ALA C 2 21.81 -9.33 -33.47
N LYS C 3 22.26 -10.07 -34.46
CA LYS C 3 23.48 -9.73 -35.26
C LYS C 3 23.39 -8.38 -35.99
N GLU C 4 22.28 -8.13 -36.65
CA GLU C 4 22.11 -6.88 -37.38
C GLU C 4 22.04 -5.68 -36.45
N SER C 5 21.37 -5.86 -35.33
CA SER C 5 21.25 -4.80 -34.32
C SER C 5 22.62 -4.44 -33.74
N VAL C 6 23.41 -5.47 -33.41
CA VAL C 6 24.75 -5.30 -32.87
C VAL C 6 25.70 -4.60 -33.85
N LYS C 7 25.62 -5.03 -35.10
CA LYS C 7 26.36 -4.43 -36.22
C LYS C 7 26.14 -2.91 -36.23
N ILE C 8 24.89 -2.50 -36.13
CA ILE C 8 24.50 -1.07 -36.07
C ILE C 8 25.04 -0.40 -34.80
N LEU C 9 24.95 -1.10 -33.67
CA LEU C 9 25.38 -0.53 -32.38
C LEU C 9 26.91 -0.41 -32.26
N GLN C 10 27.62 -1.35 -32.85
CA GLN C 10 29.10 -1.30 -32.86
C GLN C 10 29.66 -0.01 -33.47
N GLY C 11 28.90 0.60 -34.37
CA GLY C 11 29.25 1.92 -34.91
C GLY C 11 29.15 3.08 -33.92
N LYS C 12 28.33 2.90 -32.88
CA LYS C 12 27.99 3.98 -31.94
C LYS C 12 28.70 3.86 -30.59
N LEU C 13 29.02 2.63 -30.16
CA LEU C 13 29.71 2.42 -28.87
C LEU C 13 30.46 1.10 -28.81
N ASP C 14 31.26 0.97 -27.76
CA ASP C 14 32.04 -0.25 -27.49
C ASP C 14 31.15 -1.33 -26.85
N VAL C 15 30.58 -2.18 -27.70
CA VAL C 15 29.64 -3.23 -27.30
C VAL C 15 30.28 -4.26 -26.39
N LYS C 16 31.52 -4.61 -26.73
CA LYS C 16 32.29 -5.57 -25.96
C LYS C 16 32.38 -5.14 -24.51
N SER C 17 32.73 -3.86 -24.32
CA SER C 17 32.81 -3.27 -22.98
C SER C 17 31.45 -3.25 -22.27
N LEU C 18 30.41 -2.89 -23.02
CA LEU C 18 29.03 -2.91 -22.52
C LEU C 18 28.68 -4.30 -21.98
N ILE C 19 28.95 -5.34 -22.76
CA ILE C 19 28.71 -6.72 -22.31
C ILE C 19 29.43 -7.05 -20.98
N ASP C 20 30.70 -6.66 -20.86
CA ASP C 20 31.46 -6.85 -19.61
C ASP C 20 30.82 -6.15 -18.43
N GLN C 21 30.38 -4.91 -18.64
CA GLN C 21 29.63 -4.16 -17.61
C GLN C 21 28.33 -4.88 -17.21
N LEU C 22 27.61 -5.36 -18.23
CA LEU C 22 26.35 -6.11 -18.01
C LEU C 22 26.58 -7.39 -17.21
N ASN C 23 27.65 -8.12 -17.52
CA ASN C 23 28.00 -9.36 -16.77
C ASN C 23 28.45 -9.09 -15.33
N ALA C 24 29.10 -7.96 -15.12
CA ALA C 24 29.40 -7.50 -13.76
C ALA C 24 28.10 -7.19 -13.02
N ALA C 25 27.22 -6.45 -13.70
CA ALA C 25 25.85 -6.16 -13.18
C ALA C 25 25.10 -7.45 -12.88
N LEU C 26 25.14 -8.38 -13.80
CA LEU C 26 24.43 -9.66 -13.66
C LEU C 26 24.89 -10.43 -12.41
N SER C 27 26.20 -10.51 -12.25
CA SER C 27 26.82 -11.12 -11.07
C SER C 27 26.35 -10.42 -9.80
N GLU C 28 26.33 -9.10 -9.84
CA GLU C 28 25.88 -8.28 -8.70
C GLU C 28 24.41 -8.51 -8.35
N GLU C 29 23.57 -8.67 -9.36
CA GLU C 29 22.13 -8.92 -9.15
C GLU C 29 21.89 -10.24 -8.43
N TRP C 30 22.56 -11.29 -8.88
CA TRP C 30 22.45 -12.59 -8.22
C TRP C 30 22.90 -12.56 -6.77
N LEU C 31 23.97 -11.82 -6.50
CA LEU C 31 24.47 -11.69 -5.12
C LEU C 31 23.50 -10.89 -4.25
N ALA C 32 23.02 -9.78 -4.80
CA ALA C 32 22.02 -8.92 -4.10
C ALA C 32 20.70 -9.70 -3.86
N TYR C 33 20.29 -10.46 -4.86
CA TYR C 33 19.15 -11.39 -4.79
C TYR C 33 19.28 -12.33 -3.60
N TYR C 34 20.39 -13.07 -3.54
CA TYR C 34 20.61 -14.02 -2.45
C TYR C 34 20.72 -13.36 -1.10
N GLN C 35 21.43 -12.23 -1.08
CA GLN C 35 21.63 -11.48 0.13
C GLN C 35 20.29 -11.12 0.76
N TYR C 36 19.39 -10.58 -0.05
CA TYR C 36 18.02 -10.27 0.42
C TYR C 36 17.25 -11.51 0.84
N TRP C 37 17.36 -12.55 0.02
CA TRP C 37 16.64 -13.81 0.23
C TRP C 37 16.97 -14.46 1.58
N VAL C 38 18.26 -14.56 1.88
CA VAL C 38 18.71 -15.16 3.13
C VAL C 38 18.51 -14.19 4.30
N GLY C 39 18.67 -12.89 4.02
CA GLY C 39 18.38 -11.85 5.02
C GLY C 39 16.94 -11.93 5.51
N ALA C 40 16.05 -12.19 4.58
CA ALA C 40 14.63 -12.35 4.92
C ALA C 40 14.47 -13.52 5.86
N LEU C 41 15.19 -14.59 5.57
CA LEU C 41 15.11 -15.82 6.36
C LEU C 41 15.61 -15.69 7.81
N VAL C 42 16.53 -14.75 8.08
CA VAL C 42 17.16 -14.62 9.40
C VAL C 42 16.87 -13.31 10.17
N VAL C 43 16.32 -12.31 9.51
CA VAL C 43 16.06 -11.04 10.19
C VAL C 43 15.22 -11.18 11.46
N GLU C 44 15.59 -10.41 12.48
CA GLU C 44 14.91 -10.37 13.76
C GLU C 44 14.88 -8.98 14.33
N GLY C 45 13.89 -8.72 15.18
CA GLY C 45 13.84 -7.47 15.94
C GLY C 45 12.83 -6.46 15.45
N ALA C 46 13.20 -5.19 15.60
CA ALA C 46 12.33 -4.05 15.34
C ALA C 46 11.76 -4.10 13.93
N MET C 47 10.44 -4.00 13.85
CA MET C 47 9.71 -3.96 12.58
C MET C 47 10.04 -5.15 11.71
N ARG C 48 10.25 -6.32 12.31
CA ARG C 48 10.77 -7.49 11.58
C ARG C 48 9.86 -7.91 10.43
N ALA C 49 8.56 -8.05 10.70
CA ALA C 49 7.61 -8.54 9.68
C ALA C 49 7.62 -7.64 8.45
N ASP C 50 7.61 -6.32 8.64
CA ASP C 50 7.74 -5.37 7.53
C ASP C 50 9.10 -5.45 6.79
N VAL C 51 10.18 -5.51 7.55
CA VAL C 51 11.52 -5.55 6.97
C VAL C 51 11.74 -6.87 6.22
N GLN C 52 11.27 -7.96 6.81
CA GLN C 52 11.33 -9.28 6.18
C GLN C 52 10.58 -9.28 4.85
N GLY C 53 9.37 -8.73 4.89
CA GLY C 53 8.54 -8.53 3.71
C GLY C 53 9.22 -7.76 2.61
N GLU C 54 9.85 -6.65 2.94
CA GLU C 54 10.62 -5.88 1.92
C GLU C 54 11.76 -6.65 1.33
N PHE C 55 12.50 -7.36 2.20
CA PHE C 55 13.61 -8.20 1.74
C PHE C 55 13.13 -9.26 0.74
N GLU C 56 12.00 -9.89 1.05
CA GLU C 56 11.38 -10.86 0.15
C GLU C 56 11.00 -10.23 -1.19
N GLU C 57 10.38 -9.05 -1.12
CA GLU C 57 9.95 -8.33 -2.32
C GLU C 57 11.17 -7.93 -3.16
N HIS C 58 12.17 -7.37 -2.49
CA HIS C 58 13.41 -6.91 -3.13
C HIS C 58 14.21 -8.03 -3.75
N ALA C 59 14.27 -9.16 -3.05
CA ALA C 59 14.85 -10.39 -3.65
C ALA C 59 14.21 -10.68 -5.00
N GLU C 60 12.88 -10.66 -5.04
CA GLU C 60 12.17 -10.95 -6.30
C GLU C 60 12.45 -9.90 -7.38
N GLU C 61 12.56 -8.63 -6.97
CA GLU C 61 12.87 -7.55 -7.91
C GLU C 61 14.27 -7.63 -8.50
N GLU C 62 15.26 -7.97 -7.67
CA GLU C 62 16.64 -8.16 -8.19
C GLU C 62 16.70 -9.35 -9.17
N ARG C 63 15.95 -10.40 -8.86
N ARG C 63 15.93 -10.39 -8.85
CA ARG C 63 15.90 -11.59 -9.72
CA ARG C 63 15.85 -11.59 -9.68
C ARG C 63 15.39 -11.18 -11.11
C ARG C 63 15.36 -11.21 -11.08
N HIS C 64 14.36 -10.35 -11.15
CA HIS C 64 13.84 -9.84 -12.42
CA HIS C 64 13.86 -9.87 -12.45
C HIS C 64 14.88 -8.98 -13.16
N HIS C 65 15.62 -8.16 -12.39
CA HIS C 65 16.72 -7.34 -12.95
C HIS C 65 17.69 -8.22 -13.70
N ALA C 66 18.12 -9.29 -13.02
CA ALA C 66 19.01 -10.33 -13.57
C ALA C 66 18.57 -10.82 -14.95
N GLN C 67 17.27 -11.07 -15.07
CA GLN C 67 16.68 -11.57 -16.33
C GLN C 67 16.73 -10.52 -17.44
N LEU C 68 16.35 -9.29 -17.08
CA LEU C 68 16.43 -8.16 -18.02
C LEU C 68 17.86 -8.03 -18.58
N ILE C 69 18.83 -8.10 -17.66
CA ILE C 69 20.24 -7.92 -18.03
C ILE C 69 20.73 -9.09 -18.90
N ALA C 70 20.50 -10.31 -18.42
CA ALA C 70 20.91 -11.53 -19.13
C ALA C 70 20.30 -11.63 -20.54
N ASP C 71 19.01 -11.33 -20.64
CA ASP C 71 18.34 -11.33 -21.94
C ASP C 71 18.99 -10.34 -22.91
N ARG C 72 19.37 -9.18 -22.40
CA ARG C 72 19.98 -8.14 -23.23
C ARG C 72 21.42 -8.52 -23.66
N ILE C 73 22.16 -9.13 -22.74
CA ILE C 73 23.49 -9.66 -23.07
C ILE C 73 23.41 -10.58 -24.30
N ILE C 74 22.46 -11.52 -24.28
CA ILE C 74 22.21 -12.42 -25.40
C ILE C 74 21.91 -11.63 -26.69
N GLU C 75 21.08 -10.58 -26.57
CA GLU C 75 20.75 -9.75 -27.74
C GLU C 75 21.95 -8.99 -28.28
N LEU C 76 22.94 -8.72 -27.42
CA LEU C 76 24.16 -8.04 -27.81
C LEU C 76 25.22 -9.03 -28.28
N GLU C 77 24.80 -10.27 -28.56
CA GLU C 77 25.69 -11.37 -28.97
C GLU C 77 26.73 -11.76 -27.92
N GLY C 78 26.43 -11.48 -26.66
CA GLY C 78 27.30 -11.86 -25.55
C GLY C 78 26.85 -13.16 -24.89
N VAL C 79 27.65 -13.63 -23.95
CA VAL C 79 27.36 -14.82 -23.16
C VAL C 79 27.28 -14.39 -21.69
N PRO C 80 26.14 -14.66 -21.03
CA PRO C 80 26.09 -14.33 -19.61
C PRO C 80 26.95 -15.27 -18.78
N VAL C 81 27.40 -14.79 -17.63
CA VAL C 81 28.26 -15.56 -16.76
C VAL C 81 27.63 -16.93 -16.53
N LEU C 82 28.42 -17.95 -16.83
CA LEU C 82 27.95 -19.34 -16.87
C LEU C 82 28.09 -20.10 -15.56
N ASP C 83 28.83 -19.52 -14.62
CA ASP C 83 29.23 -20.21 -13.41
C ASP C 83 29.18 -19.24 -12.23
N PRO C 84 28.40 -19.57 -11.19
CA PRO C 84 28.31 -18.69 -10.02
C PRO C 84 29.64 -18.37 -9.33
N LYS C 85 30.58 -19.31 -9.40
CA LYS C 85 31.94 -19.09 -8.87
C LYS C 85 32.57 -17.81 -9.41
N LYS C 86 32.29 -17.48 -10.67
CA LYS C 86 32.75 -16.23 -11.29
C LYS C 86 32.07 -14.95 -10.80
N TRP C 87 30.89 -15.05 -10.18
CA TRP C 87 30.16 -13.84 -9.73
C TRP C 87 31.08 -12.95 -8.90
N PHE C 88 31.79 -13.57 -7.97
CA PHE C 88 32.62 -12.88 -6.98
C PHE C 88 33.79 -12.13 -7.63
N GLU C 89 34.36 -12.71 -8.67
CA GLU C 89 35.40 -12.04 -9.46
C GLU C 89 34.87 -10.81 -10.20
N LEU C 90 33.73 -11.00 -10.84
CA LEU C 90 33.16 -9.97 -11.72
C LEU C 90 32.47 -8.84 -10.98
N ALA C 91 31.90 -9.14 -9.83
CA ALA C 91 31.13 -8.15 -9.07
C ALA C 91 32.03 -7.08 -8.50
N ARG C 92 31.62 -5.82 -8.63
CA ARG C 92 32.25 -4.73 -7.91
C ARG C 92 31.66 -4.65 -6.52
N CYS C 93 30.33 -4.69 -6.46
CA CYS C 93 29.59 -4.81 -5.19
C CYS C 93 29.93 -6.16 -4.58
N LYS C 94 30.57 -6.15 -3.42
CA LYS C 94 30.95 -7.39 -2.77
C LYS C 94 29.77 -7.93 -1.95
N TYR C 95 29.58 -9.25 -1.99
CA TYR C 95 28.56 -9.92 -1.19
C TYR C 95 28.80 -9.58 0.28
N ASP C 96 27.74 -9.17 0.95
CA ASP C 96 27.78 -8.71 2.32
C ASP C 96 26.98 -9.70 3.18
N SER C 97 27.68 -10.70 3.69
CA SER C 97 27.06 -11.82 4.41
C SER C 97 26.43 -11.39 5.74
N PRO C 98 25.25 -11.92 6.05
CA PRO C 98 24.71 -11.70 7.39
C PRO C 98 25.60 -12.25 8.50
N THR C 99 25.88 -11.41 9.48
CA THR C 99 26.55 -11.83 10.69
C THR C 99 25.56 -11.55 11.82
N ALA C 100 25.35 -10.27 12.10
CA ALA C 100 24.29 -9.85 13.03
C ALA C 100 22.93 -9.96 12.30
N PHE C 101 21.95 -10.56 12.98
CA PHE C 101 20.62 -10.83 12.39
C PHE C 101 19.57 -9.76 12.69
N ASP C 102 19.93 -8.76 13.49
CA ASP C 102 19.01 -7.70 13.83
C ASP C 102 18.74 -6.81 12.63
N SER C 103 17.55 -6.23 12.59
CA SER C 103 17.07 -5.56 11.41
C SER C 103 17.93 -4.37 10.99
N VAL C 104 18.39 -3.58 11.94
CA VAL C 104 19.26 -2.42 11.62
C VAL C 104 20.53 -2.85 10.92
N SER C 105 21.18 -3.89 11.44
CA SER C 105 22.39 -4.44 10.82
C SER C 105 22.13 -4.86 9.37
N LEU C 106 21.07 -5.64 9.16
CA LEU C 106 20.71 -6.13 7.82
C LEU C 106 20.26 -5.00 6.90
N LEU C 107 19.51 -4.07 7.43
CA LEU C 107 19.10 -2.88 6.66
C LEU C 107 20.32 -2.10 6.19
N ASN C 108 21.31 -1.91 7.06
CA ASN C 108 22.55 -1.15 6.68
C ASN C 108 23.33 -1.85 5.58
N GLN C 109 23.50 -3.15 5.72
CA GLN C 109 24.19 -3.96 4.70
C GLN C 109 23.49 -3.83 3.32
N ASN C 110 22.17 -3.96 3.34
CA ASN C 110 21.44 -3.90 2.07
C ASN C 110 21.41 -2.49 1.47
N VAL C 111 21.41 -1.47 2.31
CA VAL C 111 21.50 -0.09 1.82
C VAL C 111 22.81 0.15 1.04
N SER C 112 23.91 -0.41 1.54
CA SER C 112 25.22 -0.24 0.90
C SER C 112 25.20 -0.91 -0.46
N SER C 113 24.61 -2.10 -0.53
CA SER C 113 24.49 -2.79 -1.80
C SER C 113 23.61 -2.02 -2.80
N GLU C 114 22.56 -1.37 -2.31
CA GLU C 114 21.70 -0.54 -3.14
C GLU C 114 22.48 0.63 -3.73
N ARG C 115 23.23 1.32 -2.88
CA ARG C 115 24.15 2.43 -3.31
C ARG C 115 25.07 1.98 -4.45
N CYS C 116 25.70 0.82 -4.27
CA CYS C 116 26.55 0.23 -5.30
C CYS C 116 25.75 -0.17 -6.56
N ALA C 117 24.53 -0.64 -6.37
CA ALA C 117 23.65 -0.92 -7.52
C ALA C 117 23.32 0.37 -8.28
N ILE C 118 23.02 1.43 -7.51
CA ILE C 118 22.70 2.74 -8.06
C ILE C 118 23.88 3.25 -8.91
N LEU C 119 25.09 3.09 -8.40
CA LEU C 119 26.30 3.50 -9.11
C LEU C 119 26.50 2.74 -10.45
N ARG C 120 26.28 1.43 -10.42
CA ARG C 120 26.36 0.58 -11.63
C ARG C 120 25.46 1.00 -12.78
N TYR C 121 24.18 1.25 -12.48
CA TYR C 121 23.20 1.53 -13.55
C TYR C 121 23.28 2.96 -14.07
N GLN C 122 23.69 3.88 -13.20
CA GLN C 122 24.07 5.23 -13.68
C GLN C 122 25.22 5.18 -14.68
N GLU C 123 26.25 4.39 -14.37
CA GLU C 123 27.35 4.18 -15.29
C GLU C 123 26.87 3.62 -16.63
N ILE C 124 26.06 2.57 -16.58
CA ILE C 124 25.60 1.91 -17.80
C ILE C 124 24.67 2.84 -18.59
N ALA C 125 23.81 3.55 -17.88
CA ALA C 125 22.94 4.56 -18.50
C ALA C 125 23.78 5.63 -19.21
N ASN C 126 24.79 6.13 -18.49
CA ASN C 126 25.73 7.13 -19.03
C ASN C 126 26.48 6.60 -20.26
N PHE C 127 26.95 5.37 -20.14
CA PHE C 127 27.68 4.71 -21.22
C PHE C 127 26.85 4.55 -22.50
N THR C 128 25.56 4.30 -22.33
CA THR C 128 24.68 3.93 -23.46
C THR C 128 23.72 5.05 -23.91
N ASN C 129 23.63 6.12 -23.13
CA ASN C 129 22.73 7.23 -23.41
C ASN C 129 22.89 7.76 -24.84
N GLY C 130 21.81 7.78 -25.59
CA GLY C 130 21.82 8.30 -26.97
C GLY C 130 22.51 7.40 -27.99
N LYS C 131 22.98 6.24 -27.56
CA LYS C 131 23.74 5.32 -28.41
C LYS C 131 23.11 3.95 -28.53
N ASP C 132 22.87 3.32 -27.39
CA ASP C 132 22.13 2.06 -27.29
C ASP C 132 20.88 2.38 -26.48
N TYR C 133 19.87 2.85 -27.19
CA TYR C 133 18.60 3.27 -26.58
C TYR C 133 17.98 2.17 -25.73
N THR C 134 18.02 0.95 -26.26
CA THR C 134 17.39 -0.19 -25.62
C THR C 134 18.06 -0.56 -24.29
N THR C 135 19.38 -0.70 -24.31
CA THR C 135 20.15 -1.02 -23.09
C THR C 135 20.08 0.11 -22.08
N CYS C 136 20.06 1.35 -22.59
CA CYS C 136 19.95 2.51 -21.75
C CYS C 136 18.65 2.52 -20.94
N ASP C 137 17.53 2.20 -21.60
CA ASP C 137 16.21 2.17 -20.95
C ASP C 137 16.11 1.06 -19.91
N ILE C 138 16.74 -0.08 -20.20
CA ILE C 138 16.87 -1.17 -19.22
C ILE C 138 17.60 -0.68 -17.98
N ALA C 139 18.76 -0.05 -18.18
CA ALA C 139 19.56 0.45 -17.04
C ALA C 139 18.78 1.47 -16.20
N LYS C 140 18.08 2.38 -16.89
CA LYS C 140 17.26 3.40 -16.25
C LYS C 140 16.09 2.78 -15.47
N HIS C 141 15.47 1.79 -16.08
CA HIS C 141 14.40 1.07 -15.40
C HIS C 141 14.90 0.43 -14.08
N ILE C 142 16.00 -0.29 -14.17
CA ILE C 142 16.60 -0.95 -12.99
C ILE C 142 17.01 0.12 -11.97
N LEU C 143 17.66 1.17 -12.47
CA LEU C 143 18.10 2.31 -11.62
C LEU C 143 16.95 2.86 -10.77
N ALA C 144 15.83 3.12 -11.42
CA ALA C 144 14.64 3.65 -10.71
C ALA C 144 14.25 2.73 -9.55
N GLU C 145 14.27 1.42 -9.81
CA GLU C 145 13.94 0.45 -8.77
C GLU C 145 14.96 0.39 -7.63
N GLU C 146 16.25 0.52 -7.96
CA GLU C 146 17.30 0.55 -6.93
C GLU C 146 17.18 1.79 -6.02
N GLU C 147 16.83 2.92 -6.61
CA GLU C 147 16.62 4.15 -5.82
C GLU C 147 15.42 3.97 -4.86
N GLU C 148 14.39 3.30 -5.35
CA GLU C 148 13.22 2.99 -4.53
C GLU C 148 13.59 2.04 -3.38
N HIS C 149 14.36 1.01 -3.72
CA HIS C 149 14.89 0.07 -2.71
C HIS C 149 15.63 0.82 -1.60
N GLU C 150 16.55 1.70 -2.00
CA GLU C 150 17.30 2.50 -1.02
C GLU C 150 16.32 3.24 -0.10
N GLN C 151 15.38 3.95 -0.71
CA GLN C 151 14.37 4.71 0.03
C GLN C 151 13.58 3.85 1.01
N ASP C 152 13.16 2.68 0.54
CA ASP C 152 12.40 1.75 1.37
C ASP C 152 13.19 1.35 2.63
N LEU C 153 14.47 1.06 2.45
CA LEU C 153 15.32 0.58 3.55
C LEU C 153 15.63 1.73 4.51
N GLN C 154 15.97 2.87 3.95
CA GLN C 154 16.26 4.07 4.74
C GLN C 154 15.09 4.44 5.63
N ASP C 155 13.88 4.29 5.11
CA ASP C 155 12.67 4.59 5.89
C ASP C 155 12.60 3.76 7.18
N TYR C 156 12.90 2.47 7.08
CA TYR C 156 12.92 1.63 8.28
C TYR C 156 13.99 2.08 9.29
N LEU C 157 15.19 2.35 8.79
CA LEU C 157 16.29 2.85 9.62
C LEU C 157 15.86 4.13 10.34
N THR C 158 15.27 5.05 9.57
CA THR C 158 14.74 6.28 10.10
C THR C 158 13.69 6.03 11.15
N ASP C 159 12.77 5.10 10.89
CA ASP C 159 11.68 4.83 11.84
C ASP C 159 12.20 4.23 13.16
N ILE C 160 13.11 3.28 13.04
CA ILE C 160 13.65 2.58 14.22
C ILE C 160 14.46 3.56 15.09
N ALA C 161 15.33 4.33 14.46
CA ALA C 161 16.05 5.43 15.13
C ALA C 161 15.10 6.36 15.88
N ARG C 162 14.05 6.76 15.19
CA ARG C 162 13.04 7.65 15.75
C ARG C 162 12.26 7.03 16.91
N MET C 163 11.93 5.75 16.80
CA MET C 163 11.29 5.00 17.90
C MET C 163 12.14 5.00 19.15
N LYS C 164 13.43 4.73 18.94
CA LYS C 164 14.42 4.62 20.00
C LYS C 164 14.44 5.92 20.81
N GLU C 165 14.66 7.04 20.13
CA GLU C 165 14.58 8.36 20.76
C GLU C 165 13.28 8.49 21.56
N SER C 166 12.19 8.36 20.83
CA SER C 166 10.83 8.55 21.34
C SER C 166 10.56 7.78 22.66
N PHE C 167 11.19 6.62 22.80
CA PHE C 167 10.96 5.75 23.97
C PHE C 167 11.78 6.15 25.20
N LEU C 168 12.63 7.18 25.06
CA LEU C 168 13.47 7.65 26.18
C LEU C 168 13.05 9.07 26.62
N ALA D 2 -18.17 -44.09 5.81
CA ALA D 2 -17.95 -45.00 4.65
C ALA D 2 -17.81 -46.42 5.20
N LYS D 3 -18.91 -47.18 5.15
CA LYS D 3 -19.02 -48.50 5.83
C LYS D 3 -17.99 -49.53 5.39
N GLU D 4 -17.79 -49.63 4.09
CA GLU D 4 -16.83 -50.60 3.55
C GLU D 4 -15.40 -50.24 3.88
N SER D 5 -15.11 -48.94 3.82
CA SER D 5 -13.78 -48.45 4.18
C SER D 5 -13.48 -48.75 5.67
N VAL D 6 -14.45 -48.48 6.53
CA VAL D 6 -14.30 -48.68 7.97
C VAL D 6 -14.10 -50.16 8.32
N LYS D 7 -14.88 -51.00 7.64
CA LYS D 7 -14.79 -52.46 7.74
C LYS D 7 -13.33 -52.91 7.51
N ILE D 8 -12.76 -52.42 6.42
CA ILE D 8 -11.35 -52.68 6.10
C ILE D 8 -10.40 -52.14 7.18
N LEU D 9 -10.65 -50.91 7.64
CA LEU D 9 -9.77 -50.25 8.63
C LEU D 9 -9.83 -50.91 10.02
N GLN D 10 -11.02 -51.38 10.40
CA GLN D 10 -11.21 -52.07 11.70
C GLN D 10 -10.28 -53.29 11.88
N GLY D 11 -9.87 -53.90 10.77
CA GLY D 11 -8.88 -54.97 10.77
C GLY D 11 -7.46 -54.51 11.16
N LYS D 12 -7.16 -53.23 10.91
CA LYS D 12 -5.79 -52.68 11.03
C LYS D 12 -5.59 -51.87 12.31
N LEU D 13 -6.64 -51.23 12.82
CA LEU D 13 -6.52 -50.42 14.05
C LEU D 13 -7.85 -50.28 14.80
N ASP D 14 -7.75 -49.72 16.00
CA ASP D 14 -8.94 -49.42 16.83
C ASP D 14 -9.62 -48.10 16.41
N VAL D 15 -10.58 -48.22 15.50
CA VAL D 15 -11.28 -47.09 14.88
C VAL D 15 -12.07 -46.30 15.91
N LYS D 16 -12.65 -47.01 16.85
CA LYS D 16 -13.43 -46.40 17.93
C LYS D 16 -12.55 -45.44 18.75
N SER D 17 -11.35 -45.89 19.08
CA SER D 17 -10.40 -45.03 19.76
C SER D 17 -9.98 -43.83 18.89
N LEU D 18 -9.74 -44.09 17.60
CA LEU D 18 -9.40 -43.05 16.64
C LEU D 18 -10.45 -41.95 16.63
N ILE D 19 -11.72 -42.34 16.54
CA ILE D 19 -12.83 -41.38 16.58
C ILE D 19 -12.79 -40.53 17.85
N ASP D 20 -12.56 -41.14 19.00
CA ASP D 20 -12.46 -40.39 20.26
C ASP D 20 -11.33 -39.35 20.24
N GLN D 21 -10.18 -39.76 19.72
CA GLN D 21 -9.04 -38.86 19.56
C GLN D 21 -9.36 -37.68 18.62
N LEU D 22 -10.06 -38.00 17.52
CA LEU D 22 -10.51 -37.00 16.56
C LEU D 22 -11.50 -36.00 17.17
N ASN D 23 -12.41 -36.49 17.99
CA ASN D 23 -13.39 -35.62 18.66
C ASN D 23 -12.77 -34.72 19.72
N ALA D 24 -11.73 -35.22 20.37
CA ALA D 24 -10.90 -34.43 21.29
C ALA D 24 -10.16 -33.34 20.49
N ALA D 25 -9.55 -33.75 19.39
CA ALA D 25 -8.91 -32.80 18.45
C ALA D 25 -9.92 -31.75 17.93
N LEU D 26 -11.11 -32.20 17.53
CA LEU D 26 -12.15 -31.32 17.03
C LEU D 26 -12.50 -30.24 18.06
N SER D 27 -12.75 -30.69 19.29
CA SER D 27 -13.03 -29.81 20.43
C SER D 27 -11.90 -28.80 20.60
N GLU D 28 -10.67 -29.29 20.54
CA GLU D 28 -9.49 -28.46 20.66
C GLU D 28 -9.37 -27.41 19.56
N GLU D 29 -9.70 -27.78 18.34
CA GLU D 29 -9.68 -26.85 17.18
C GLU D 29 -10.67 -25.69 17.36
N TRP D 30 -11.89 -26.00 17.80
CA TRP D 30 -12.89 -24.97 18.05
C TRP D 30 -12.47 -24.00 19.14
N LEU D 31 -11.82 -24.51 20.18
CA LEU D 31 -11.34 -23.66 21.26
C LEU D 31 -10.17 -22.79 20.80
N ALA D 32 -9.24 -23.39 20.07
CA ALA D 32 -8.07 -22.67 19.52
C ALA D 32 -8.52 -21.60 18.48
N TYR D 33 -9.51 -21.97 17.68
CA TYR D 33 -10.19 -21.06 16.76
C TYR D 33 -10.73 -19.81 17.45
N TYR D 34 -11.59 -20.01 18.45
CA TYR D 34 -12.15 -18.89 19.22
C TYR D 34 -11.09 -18.10 19.95
N GLN D 35 -10.14 -18.80 20.55
CA GLN D 35 -9.05 -18.16 21.27
C GLN D 35 -8.30 -17.14 20.41
N TYR D 36 -7.94 -17.57 19.21
CA TYR D 36 -7.28 -16.68 18.25
C TYR D 36 -8.19 -15.55 17.80
N TRP D 37 -9.45 -15.89 17.53
CA TRP D 37 -10.43 -14.95 17.03
C TRP D 37 -10.67 -13.78 18.00
N VAL D 38 -10.85 -14.11 19.28
CA VAL D 38 -11.09 -13.08 20.32
C VAL D 38 -9.77 -12.39 20.68
N GLY D 39 -8.68 -13.14 20.66
CA GLY D 39 -7.33 -12.55 20.82
C GLY D 39 -7.04 -11.48 19.80
N ALA D 40 -7.41 -11.74 18.56
CA ALA D 40 -7.27 -10.74 17.49
C ALA D 40 -8.06 -9.47 17.84
N LEU D 41 -9.25 -9.66 18.39
CA LEU D 41 -10.14 -8.54 18.73
C LEU D 41 -9.63 -7.64 19.86
N VAL D 42 -8.81 -8.17 20.75
CA VAL D 42 -8.38 -7.43 21.93
C VAL D 42 -6.87 -7.10 22.03
N VAL D 43 -6.04 -7.72 21.17
CA VAL D 43 -4.59 -7.51 21.24
C VAL D 43 -4.21 -6.01 21.15
N GLU D 44 -3.19 -5.66 21.93
CA GLU D 44 -2.64 -4.31 21.95
C GLU D 44 -1.14 -4.35 22.14
N GLY D 45 -0.47 -3.31 21.69
CA GLY D 45 0.94 -3.12 21.98
C GLY D 45 1.90 -3.38 20.85
N ALA D 46 3.07 -3.91 21.21
CA ALA D 46 4.16 -4.12 20.28
C ALA D 46 3.75 -4.98 19.11
N MET D 47 4.02 -4.49 17.91
CA MET D 47 3.73 -5.19 16.66
C MET D 47 2.28 -5.64 16.54
N ARG D 48 1.36 -4.83 17.06
CA ARG D 48 -0.03 -5.26 17.20
C ARG D 48 -0.63 -5.66 15.84
N ALA D 49 -0.50 -4.79 14.84
CA ALA D 49 -1.13 -4.99 13.55
C ALA D 49 -0.72 -6.35 12.94
N ASP D 50 0.57 -6.63 12.96
CA ASP D 50 1.10 -7.93 12.53
C ASP D 50 0.63 -9.13 13.35
N VAL D 51 0.64 -8.97 14.67
CA VAL D 51 0.21 -10.04 15.59
C VAL D 51 -1.28 -10.29 15.44
N GLN D 52 -2.05 -9.21 15.34
CA GLN D 52 -3.50 -9.28 15.12
C GLN D 52 -3.83 -10.01 13.83
N GLY D 53 -3.13 -9.62 12.76
CA GLY D 53 -3.22 -10.27 11.47
C GLY D 53 -2.96 -11.76 11.54
N GLU D 54 -1.89 -12.19 12.22
CA GLU D 54 -1.60 -13.62 12.38
C GLU D 54 -2.69 -14.34 13.11
N PHE D 55 -3.19 -13.73 14.18
CA PHE D 55 -4.28 -14.32 14.97
C PHE D 55 -5.50 -14.55 14.10
N GLU D 56 -5.83 -13.54 13.29
CA GLU D 56 -6.93 -13.66 12.31
C GLU D 56 -6.69 -14.80 11.31
N GLU D 57 -5.49 -14.86 10.77
CA GLU D 57 -5.13 -15.89 9.80
C GLU D 57 -5.19 -17.30 10.44
N HIS D 58 -4.60 -17.41 11.63
CA HIS D 58 -4.57 -18.67 12.37
C HIS D 58 -5.96 -19.12 12.81
N ALA D 59 -6.80 -18.17 13.22
CA ALA D 59 -8.23 -18.47 13.47
C ALA D 59 -8.87 -19.20 12.30
N GLU D 60 -8.65 -18.66 11.10
CA GLU D 60 -9.20 -19.26 9.89
C GLU D 60 -8.58 -20.64 9.63
N GLU D 61 -7.29 -20.78 9.88
CA GLU D 61 -6.62 -22.07 9.65
C GLU D 61 -7.09 -23.20 10.61
N GLU D 62 -7.36 -22.85 11.87
CA GLU D 62 -7.89 -23.82 12.84
C GLU D 62 -9.32 -24.22 12.49
N ARG D 63 -10.09 -23.25 12.01
CA ARG D 63 -11.45 -23.51 11.59
C ARG D 63 -11.48 -24.52 10.42
N HIS D 64 -10.51 -24.43 9.49
CA HIS D 64 -10.39 -25.39 8.40
CA HIS D 64 -10.42 -25.41 8.42
C HIS D 64 -9.93 -26.74 8.97
N HIS D 65 -9.04 -26.72 9.95
CA HIS D 65 -8.62 -27.99 10.61
C HIS D 65 -9.83 -28.77 11.15
N ALA D 66 -10.70 -28.04 11.84
CA ALA D 66 -11.98 -28.58 12.39
C ALA D 66 -12.83 -29.27 11.34
N GLN D 67 -12.89 -28.67 10.14
CA GLN D 67 -13.66 -29.26 9.03
C GLN D 67 -13.02 -30.55 8.52
N LEU D 68 -11.71 -30.54 8.32
CA LEU D 68 -10.98 -31.75 7.91
C LEU D 68 -11.24 -32.92 8.88
N ILE D 69 -11.18 -32.60 10.17
CA ILE D 69 -11.34 -33.58 11.25
C ILE D 69 -12.76 -34.08 11.32
N ALA D 70 -13.72 -33.15 11.32
CA ALA D 70 -15.15 -33.51 11.37
C ALA D 70 -15.58 -34.37 10.20
N ASP D 71 -15.17 -33.98 9.00
CA ASP D 71 -15.50 -34.73 7.79
C ASP D 71 -14.98 -36.17 7.86
N ARG D 72 -13.79 -36.31 8.40
CA ARG D 72 -13.16 -37.62 8.52
C ARG D 72 -13.86 -38.50 9.58
N ILE D 73 -14.27 -37.86 10.68
CA ILE D 73 -15.06 -38.56 11.71
C ILE D 73 -16.29 -39.20 11.07
N ILE D 74 -17.01 -38.42 10.26
CA ILE D 74 -18.20 -38.92 9.54
C ILE D 74 -17.83 -40.13 8.65
N GLU D 75 -16.71 -40.03 7.94
CA GLU D 75 -16.23 -41.11 7.06
C GLU D 75 -15.86 -42.38 7.85
N LEU D 76 -15.47 -42.22 9.10
CA LEU D 76 -15.15 -43.33 9.98
C LEU D 76 -16.40 -43.83 10.72
N GLU D 77 -17.58 -43.40 10.26
CA GLU D 77 -18.87 -43.77 10.86
C GLU D 77 -19.03 -43.30 12.29
N GLY D 78 -18.34 -42.23 12.64
CA GLY D 78 -18.46 -41.58 13.95
C GLY D 78 -19.36 -40.36 13.89
N VAL D 79 -19.66 -39.80 15.06
CA VAL D 79 -20.48 -38.61 15.20
C VAL D 79 -19.59 -37.54 15.83
N PRO D 80 -19.48 -36.36 15.17
CA PRO D 80 -18.72 -35.31 15.79
C PRO D 80 -19.44 -34.74 17.00
N VAL D 81 -18.68 -34.15 17.91
CA VAL D 81 -19.24 -33.56 19.13
C VAL D 81 -20.35 -32.58 18.75
N LEU D 82 -21.53 -32.82 19.32
CA LEU D 82 -22.77 -32.15 18.90
C LEU D 82 -23.11 -30.92 19.70
N ASP D 83 -22.34 -30.68 20.75
CA ASP D 83 -22.67 -29.61 21.71
C ASP D 83 -21.38 -28.97 22.20
N PRO D 84 -21.23 -27.64 22.03
CA PRO D 84 -20.02 -26.95 22.48
C PRO D 84 -19.70 -27.07 23.97
N LYS D 85 -20.74 -27.26 24.78
CA LYS D 85 -20.55 -27.52 26.23
C LYS D 85 -19.62 -28.70 26.48
N LYS D 86 -19.67 -29.72 25.62
CA LYS D 86 -18.77 -30.88 25.69
C LYS D 86 -17.31 -30.62 25.29
N TRP D 87 -17.04 -29.52 24.58
CA TRP D 87 -15.67 -29.26 24.11
C TRP D 87 -14.68 -29.30 25.26
N PHE D 88 -15.07 -28.67 26.36
CA PHE D 88 -14.22 -28.49 27.54
C PHE D 88 -13.90 -29.83 28.22
N GLU D 89 -14.86 -30.75 28.24
CA GLU D 89 -14.65 -32.09 28.78
C GLU D 89 -13.66 -32.87 27.92
N LEU D 90 -13.91 -32.83 26.61
CA LEU D 90 -13.14 -33.64 25.65
C LEU D 90 -11.73 -33.12 25.39
N ALA D 91 -11.56 -31.81 25.42
CA ALA D 91 -10.28 -31.18 25.08
C ALA D 91 -9.22 -31.50 26.14
N ARG D 92 -8.02 -31.85 25.67
CA ARG D 92 -6.85 -31.93 26.53
C ARG D 92 -6.27 -30.53 26.67
N CYS D 93 -6.07 -29.89 25.53
CA CYS D 93 -5.69 -28.48 25.50
C CYS D 93 -6.80 -27.67 26.15
N LYS D 94 -6.50 -27.00 27.25
CA LYS D 94 -7.50 -26.22 27.95
C LYS D 94 -7.58 -24.83 27.31
N TYR D 95 -8.80 -24.31 27.20
CA TYR D 95 -9.03 -22.94 26.71
C TYR D 95 -8.30 -21.95 27.60
N ASP D 96 -7.52 -21.10 26.97
CA ASP D 96 -6.64 -20.14 27.65
C ASP D 96 -7.19 -18.72 27.41
N SER D 97 -8.07 -18.30 28.30
CA SER D 97 -8.78 -17.04 28.14
C SER D 97 -7.87 -15.81 28.23
N PRO D 98 -8.09 -14.82 27.34
CA PRO D 98 -7.35 -13.56 27.49
C PRO D 98 -7.65 -12.87 28.82
N THR D 99 -6.60 -12.49 29.51
CA THR D 99 -6.70 -11.68 30.70
C THR D 99 -5.94 -10.38 30.40
N ALA D 100 -4.61 -10.49 30.32
CA ALA D 100 -3.78 -9.40 29.82
C ALA D 100 -3.93 -9.34 28.28
N PHE D 101 -4.10 -8.13 27.75
CA PHE D 101 -4.34 -7.90 26.31
C PHE D 101 -3.08 -7.52 25.51
N ASP D 102 -1.95 -7.39 26.18
CA ASP D 102 -0.70 -7.07 25.50
C ASP D 102 -0.27 -8.26 24.63
N SER D 103 0.50 -7.96 23.60
CA SER D 103 0.79 -8.95 22.57
C SER D 103 1.67 -10.11 23.10
N VAL D 104 2.64 -9.82 23.96
CA VAL D 104 3.49 -10.89 24.55
C VAL D 104 2.64 -11.89 25.33
N SER D 105 1.75 -11.39 26.17
CA SER D 105 0.86 -12.27 26.93
C SER D 105 0.05 -13.17 25.99
N LEU D 106 -0.59 -12.56 25.01
CA LEU D 106 -1.43 -13.32 24.07
C LEU D 106 -0.62 -14.28 23.22
N LEU D 107 0.55 -13.84 22.78
CA LEU D 107 1.47 -14.68 22.02
C LEU D 107 1.86 -15.93 22.82
N ASN D 108 2.17 -15.73 24.11
CA ASN D 108 2.57 -16.85 24.97
C ASN D 108 1.46 -17.86 25.17
N GLN D 109 0.26 -17.36 25.37
CA GLN D 109 -0.90 -18.23 25.52
C GLN D 109 -1.14 -19.08 24.29
N ASN D 110 -1.06 -18.45 23.13
CA ASN D 110 -1.30 -19.16 21.87
C ASN D 110 -0.19 -20.12 21.52
N VAL D 111 1.05 -19.79 21.89
CA VAL D 111 2.16 -20.74 21.73
C VAL D 111 1.94 -22.05 22.49
N SER D 112 1.47 -21.95 23.74
CA SER D 112 1.19 -23.15 24.55
C SER D 112 0.15 -24.03 23.90
N SER D 113 -0.93 -23.42 23.42
CA SER D 113 -2.00 -24.14 22.71
C SER D 113 -1.50 -24.80 21.41
N GLU D 114 -0.59 -24.12 20.72
CA GLU D 114 0.03 -24.70 19.52
C GLU D 114 0.78 -25.99 19.85
N ARG D 115 1.55 -25.94 20.94
CA ARG D 115 2.34 -27.11 21.38
C ARG D 115 1.42 -28.26 21.68
N CYS D 116 0.33 -27.94 22.33
CA CYS D 116 -0.68 -28.92 22.63
C CYS D 116 -1.35 -29.52 21.36
N ALA D 117 -1.58 -28.69 20.36
CA ALA D 117 -2.09 -29.17 19.06
C ALA D 117 -1.04 -30.04 18.39
N ILE D 118 0.22 -29.61 18.47
CA ILE D 118 1.32 -30.38 17.90
C ILE D 118 1.34 -31.78 18.48
N LEU D 119 1.19 -31.88 19.80
CA LEU D 119 1.23 -33.20 20.48
C LEU D 119 0.11 -34.09 19.96
N ARG D 120 -1.07 -33.50 19.90
CA ARG D 120 -2.25 -34.20 19.41
C ARG D 120 -2.08 -34.85 18.04
N TYR D 121 -1.55 -34.09 17.09
CA TYR D 121 -1.47 -34.59 15.70
C TYR D 121 -0.29 -35.54 15.50
N GLN D 122 0.78 -35.35 16.25
CA GLN D 122 1.82 -36.39 16.33
C GLN D 122 1.25 -37.72 16.84
N GLU D 123 0.45 -37.64 17.90
CA GLU D 123 -0.22 -38.85 18.43
C GLU D 123 -1.06 -39.53 17.36
N ILE D 124 -1.94 -38.74 16.73
CA ILE D 124 -2.87 -39.31 15.75
C ILE D 124 -2.13 -39.83 14.52
N ALA D 125 -1.11 -39.09 14.09
CA ALA D 125 -0.23 -39.56 13.00
C ALA D 125 0.47 -40.90 13.37
N ASN D 126 1.02 -40.95 14.58
CA ASN D 126 1.63 -42.20 15.12
C ASN D 126 0.63 -43.35 15.19
N PHE D 127 -0.56 -43.04 15.70
CA PHE D 127 -1.63 -44.03 15.86
C PHE D 127 -2.05 -44.66 14.53
N THR D 128 -2.05 -43.85 13.48
CA THR D 128 -2.64 -44.24 12.18
C THR D 128 -1.58 -44.58 11.12
N ASN D 129 -0.32 -44.22 11.37
CA ASN D 129 0.75 -44.43 10.40
C ASN D 129 0.75 -45.87 9.85
N GLY D 130 0.72 -45.98 8.54
CA GLY D 130 0.75 -47.30 7.88
C GLY D 130 -0.52 -48.12 7.96
N LYS D 131 -1.54 -47.59 8.63
CA LYS D 131 -2.78 -48.31 8.91
C LYS D 131 -4.00 -47.62 8.32
N ASP D 132 -4.20 -46.36 8.71
CA ASP D 132 -5.25 -45.50 8.15
C ASP D 132 -4.50 -44.35 7.42
N TYR D 133 -4.12 -44.65 6.19
CA TYR D 133 -3.36 -43.73 5.36
C TYR D 133 -4.03 -42.35 5.27
N THR D 134 -5.34 -42.36 5.06
CA THR D 134 -6.12 -41.15 4.85
C THR D 134 -6.14 -40.26 6.08
N THR D 135 -6.46 -40.83 7.24
CA THR D 135 -6.48 -40.06 8.50
C THR D 135 -5.08 -39.62 8.88
N CYS D 136 -4.10 -40.48 8.61
CA CYS D 136 -2.70 -40.15 8.90
C CYS D 136 -2.29 -38.88 8.13
N ASP D 137 -2.61 -38.83 6.84
CA ASP D 137 -2.26 -37.66 6.00
C ASP D 137 -2.96 -36.37 6.44
N ILE D 138 -4.20 -36.48 6.87
CA ILE D 138 -4.91 -35.38 7.50
C ILE D 138 -4.16 -34.86 8.73
N ALA D 139 -3.78 -35.79 9.63
CA ALA D 139 -3.06 -35.42 10.87
C ALA D 139 -1.70 -34.75 10.56
N LYS D 140 -0.99 -35.33 9.60
CA LYS D 140 0.28 -34.76 9.17
C LYS D 140 0.14 -33.37 8.54
N HIS D 141 -0.90 -33.20 7.73
CA HIS D 141 -1.21 -31.90 7.13
C HIS D 141 -1.46 -30.85 8.22
N ILE D 142 -2.33 -31.16 9.16
CA ILE D 142 -2.66 -30.23 10.27
C ILE D 142 -1.41 -29.97 11.10
N LEU D 143 -0.67 -31.04 11.41
CA LEU D 143 0.60 -30.95 12.16
C LEU D 143 1.56 -29.95 11.55
N ALA D 144 1.80 -30.07 10.25
CA ALA D 144 2.69 -29.14 9.54
C ALA D 144 2.26 -27.67 9.73
N GLU D 145 0.95 -27.43 9.70
CA GLU D 145 0.41 -26.07 9.94
C GLU D 145 0.56 -25.60 11.39
N GLU D 146 0.37 -26.50 12.35
CA GLU D 146 0.56 -26.15 13.79
C GLU D 146 2.04 -25.80 14.09
N GLU D 147 2.96 -26.54 13.46
CA GLU D 147 4.40 -26.23 13.59
C GLU D 147 4.71 -24.86 13.03
N GLU D 148 4.10 -24.54 11.90
CA GLU D 148 4.24 -23.20 11.29
C GLU D 148 3.64 -22.13 12.20
N HIS D 149 2.47 -22.38 12.74
CA HIS D 149 1.86 -21.47 13.71
C HIS D 149 2.78 -21.16 14.88
N GLU D 150 3.37 -22.23 15.44
CA GLU D 150 4.31 -22.07 16.56
C GLU D 150 5.49 -21.18 16.18
N GLN D 151 6.08 -21.46 15.02
CA GLN D 151 7.16 -20.65 14.49
C GLN D 151 6.77 -19.19 14.33
N ASP D 152 5.59 -18.96 13.74
CA ASP D 152 5.10 -17.60 13.49
C ASP D 152 5.05 -16.81 14.80
N LEU D 153 4.53 -17.46 15.83
CA LEU D 153 4.29 -16.78 17.10
C LEU D 153 5.59 -16.54 17.85
N GLN D 154 6.44 -17.55 17.84
CA GLN D 154 7.76 -17.44 18.43
C GLN D 154 8.57 -16.32 17.81
N ASP D 155 8.47 -16.16 16.48
CA ASP D 155 9.17 -15.07 15.81
C ASP D 155 8.82 -13.73 16.45
N TYR D 156 7.53 -13.47 16.67
CA TYR D 156 7.14 -12.17 17.27
C TYR D 156 7.72 -11.99 18.69
N LEU D 157 7.62 -13.04 19.51
CA LEU D 157 8.22 -13.04 20.85
C LEU D 157 9.72 -12.72 20.80
N THR D 158 10.40 -13.36 19.84
CA THR D 158 11.83 -13.11 19.59
C THR D 158 12.08 -11.66 19.19
N ASP D 159 11.25 -11.13 18.30
CA ASP D 159 11.45 -9.78 17.79
C ASP D 159 11.24 -8.74 18.89
N ILE D 160 10.19 -8.93 19.67
CA ILE D 160 9.82 -7.98 20.72
C ILE D 160 10.87 -7.98 21.84
N ALA D 161 11.27 -9.17 22.26
CA ALA D 161 12.41 -9.34 23.19
C ALA D 161 13.69 -8.65 22.69
N ARG D 162 13.96 -8.83 21.40
CA ARG D 162 15.14 -8.23 20.77
C ARG D 162 15.07 -6.71 20.62
N MET D 163 13.88 -6.18 20.34
CA MET D 163 13.64 -4.74 20.35
C MET D 163 13.93 -4.13 21.70
N LYS D 164 13.40 -4.78 22.73
CA LYS D 164 13.49 -4.35 24.10
C LYS D 164 14.96 -4.13 24.47
N GLU D 165 15.76 -5.18 24.31
CA GLU D 165 17.21 -5.08 24.52
C GLU D 165 17.77 -3.88 23.77
N SER D 166 17.58 -3.94 22.46
CA SER D 166 18.12 -2.94 21.52
C SER D 166 17.86 -1.48 21.92
N PHE D 167 16.73 -1.24 22.58
CA PHE D 167 16.30 0.12 22.97
C PHE D 167 16.94 0.60 24.29
N LEU D 168 17.75 -0.25 24.91
CA LEU D 168 18.44 0.10 26.18
C LEU D 168 19.95 0.15 25.97
#